data_8K3I
#
_entry.id   8K3I
#
_cell.length_a   1.00
_cell.length_b   1.00
_cell.length_c   1.00
_cell.angle_alpha   90.00
_cell.angle_beta   90.00
_cell.angle_gamma   90.00
#
_symmetry.space_group_name_H-M   'P 1'
#
_entity_poly.entity_id   1
_entity_poly.type   'polypeptide(L)'
_entity_poly.pdbx_seq_one_letter_code
;VNGTFVESIADAHVELRAAMLGSRHHPSPDIPIINHPSASGLDQAFALVEASLTAHGLAIVQMDEPLSTEQFACYARRLG
VLVPEHDEDVQPFVEQGDILHLRTRFGPTDRVGLQPFSSSPLSMHSESSGNALVDQPRYLAFQCLEPGEFAYAPQTLLID
MASIVARISPYNINILARTYYDSQRNSPPLLRYDGQRWVISFRDFQQQPLSWVHEGPTPAGDVLSAIRDLLACMYTAQAS
AVRWARGMFMVFDNQRYMHARSKGHFVLDQQDRHLLRARIRARTPDLNVLAAVDDGDSRVLFARPASGRIPQLPDDFRQT
SAVEPNQVEETPDTFIDERTLEVFSRALNPTNPMELRNLWLGRVEAELGDNALRPEYADLWRRSRVRRAVSVEEVLRSTA
TVGMVKELFNAFFRDDLYGALSSKRNIILSSGAVDEDEYGLPAALKETLRFALARNFYGYSDSLGRQPAREAVAAMESVS
MQQGHYEAASVALTMGATHTISSLADFIFRDNPYADAAICAIPNYPPLVQSIAWRHPVLLVPTPSHGGTTSLQALSRAVT
PNTPMVLLQTGTNPCGSLVDELELERFIQSTSLSTLIILDECHEWLGAPRHFSPARQRANVIRVSSLS(LLP)NWSVPGL
KVGWFLADPALVSRYYEFASTSYGGPQSFVYTLVEVLARFERWIIEGRTSIDQQQLREFSASYGLQLGSLSQTYEHYVAE
RRAREQVLLGLRGEATSCLRRASMIVKTPQCSINVFAQIPGSEDSYLSFRNVLRETGVSVYPGILSFYLAGGGFRVTTAR
KWGDLHRGLERLSAGAGNA
;
_entity_poly.pdbx_strand_id   A,B
#
# COMPACT_ATOMS: atom_id res chain seq x y z
N PRO A 332 23.63 7.33 -30.74
CA PRO A 332 22.64 8.20 -30.09
C PRO A 332 21.45 7.42 -29.55
N ASP A 333 20.49 8.13 -28.94
CA ASP A 333 19.27 7.53 -28.44
C ASP A 333 18.11 7.94 -29.35
N THR A 334 17.34 6.95 -29.79
CA THR A 334 16.17 7.17 -30.63
C THR A 334 14.92 6.96 -29.78
N PHE A 335 14.01 7.94 -29.82
CA PHE A 335 12.82 7.93 -28.98
C PHE A 335 11.52 7.82 -29.75
N ILE A 336 11.43 8.42 -30.94
CA ILE A 336 10.21 8.37 -31.74
C ILE A 336 10.55 8.70 -33.18
N ASP A 337 9.95 7.97 -34.10
CA ASP A 337 10.18 8.17 -35.53
C ASP A 337 8.85 7.94 -36.26
N GLU A 338 8.93 7.76 -37.58
CA GLU A 338 7.72 7.53 -38.37
C GLU A 338 7.13 6.15 -38.12
N ARG A 339 8.00 5.17 -37.83
CA ARG A 339 7.52 3.82 -37.56
C ARG A 339 6.60 3.79 -36.35
N THR A 340 6.82 4.70 -35.39
CA THR A 340 5.90 4.83 -34.26
C THR A 340 4.60 5.52 -34.68
N LEU A 341 4.70 6.56 -35.50
CA LEU A 341 3.50 7.28 -35.93
C LEU A 341 2.59 6.42 -36.79
N GLU A 342 3.11 5.37 -37.43
CA GLU A 342 2.27 4.52 -38.28
C GLU A 342 1.16 3.88 -37.48
N VAL A 343 1.48 3.32 -36.32
CA VAL A 343 0.47 2.65 -35.51
C VAL A 343 -0.59 3.63 -35.05
N PHE A 344 -0.18 4.81 -34.61
CA PHE A 344 -1.13 5.82 -34.16
C PHE A 344 -1.97 6.38 -35.30
N SER A 345 -1.48 6.29 -36.54
CA SER A 345 -2.27 6.77 -37.67
C SER A 345 -3.17 5.70 -38.27
N ARG A 346 -2.94 4.43 -37.97
CA ARG A 346 -3.77 3.36 -38.50
C ARG A 346 -4.88 2.91 -37.57
N ALA A 347 -4.98 3.48 -36.37
CA ALA A 347 -5.95 3.02 -35.40
C ALA A 347 -7.31 3.68 -35.61
N LEU A 348 -8.38 2.93 -35.35
CA LEU A 348 -9.73 3.46 -35.51
C LEU A 348 -9.96 4.64 -34.56
N ASN A 349 -9.67 4.45 -33.28
CA ASN A 349 -9.79 5.51 -32.29
C ASN A 349 -8.44 5.65 -31.59
N PRO A 350 -7.71 6.74 -31.81
CA PRO A 350 -6.36 6.85 -31.21
C PRO A 350 -6.36 6.83 -29.70
N THR A 351 -7.43 7.28 -29.06
CA THR A 351 -7.49 7.39 -27.61
C THR A 351 -7.76 6.06 -26.92
N ASN A 352 -7.75 4.95 -27.66
CA ASN A 352 -8.00 3.64 -27.07
C ASN A 352 -6.68 2.92 -26.89
N PRO A 353 -6.19 2.73 -25.65
CA PRO A 353 -4.92 2.03 -25.46
C PRO A 353 -4.92 0.60 -25.97
N MET A 354 -6.04 -0.11 -25.83
CA MET A 354 -6.08 -1.52 -26.20
C MET A 354 -5.99 -1.70 -27.71
N GLU A 355 -6.63 -0.82 -28.48
CA GLU A 355 -6.50 -0.88 -29.94
C GLU A 355 -5.06 -0.63 -30.37
N LEU A 356 -4.39 0.31 -29.73
CA LEU A 356 -2.99 0.58 -30.05
C LEU A 356 -2.10 -0.60 -29.70
N ARG A 357 -2.34 -1.24 -28.54
CA ARG A 357 -1.56 -2.43 -28.20
C ARG A 357 -1.80 -3.54 -29.22
N ASN A 358 -3.05 -3.72 -29.64
CA ASN A 358 -3.36 -4.74 -30.62
C ASN A 358 -2.68 -4.46 -31.95
N LEU A 359 -2.65 -3.20 -32.39
CA LEU A 359 -1.98 -2.89 -33.64
C LEU A 359 -0.48 -3.09 -33.54
N TRP A 360 0.12 -2.70 -32.42
CA TRP A 360 1.55 -2.92 -32.22
C TRP A 360 1.89 -4.40 -32.28
N LEU A 361 1.16 -5.22 -31.52
CA LEU A 361 1.40 -6.66 -31.54
C LEU A 361 1.10 -7.26 -32.90
N GLY A 362 0.10 -6.73 -33.60
CA GLY A 362 -0.21 -7.23 -34.93
C GLY A 362 0.91 -6.98 -35.91
N ARG A 363 1.50 -5.79 -35.88
CA ARG A 363 2.67 -5.53 -36.72
C ARG A 363 3.80 -6.50 -36.36
N VAL A 364 4.08 -6.64 -35.06
CA VAL A 364 5.16 -7.51 -34.63
C VAL A 364 4.96 -8.93 -35.17
N GLU A 365 3.76 -9.46 -35.00
CA GLU A 365 3.47 -10.81 -35.49
C GLU A 365 3.28 -10.86 -37.01
N ALA A 366 3.19 -9.71 -37.67
CA ALA A 366 3.25 -9.70 -39.13
C ALA A 366 4.66 -9.92 -39.62
N GLU A 367 5.67 -9.29 -38.98
CA GLU A 367 7.02 -9.72 -39.34
C GLU A 367 7.44 -11.04 -38.68
N LEU A 368 6.65 -11.59 -37.77
CA LEU A 368 6.77 -13.02 -37.46
C LEU A 368 5.81 -13.80 -38.36
N GLY A 369 6.22 -13.95 -39.61
CA GLY A 369 5.37 -14.58 -40.60
C GLY A 369 4.97 -15.99 -40.25
N ASP A 370 5.93 -16.92 -40.29
CA ASP A 370 5.62 -18.31 -39.98
C ASP A 370 5.50 -18.54 -38.48
N ASN A 371 6.26 -17.81 -37.67
CA ASN A 371 6.37 -18.05 -36.24
C ASN A 371 5.40 -17.20 -35.42
N ALA A 372 4.29 -16.77 -36.02
CA ALA A 372 3.35 -15.92 -35.32
C ALA A 372 2.68 -16.70 -34.18
N LEU A 373 2.78 -16.16 -32.97
CA LEU A 373 2.10 -16.78 -31.84
C LEU A 373 0.59 -16.58 -31.90
N ARG A 374 0.15 -15.50 -32.54
CA ARG A 374 -1.28 -15.21 -32.70
C ARG A 374 -1.50 -14.61 -34.08
N PRO A 375 -2.02 -15.39 -35.03
CA PRO A 375 -2.29 -14.84 -36.37
C PRO A 375 -3.45 -13.86 -36.41
N GLU A 376 -4.31 -13.85 -35.37
CA GLU A 376 -5.43 -12.92 -35.35
C GLU A 376 -4.94 -11.47 -35.34
N TYR A 377 -3.93 -11.18 -34.52
CA TYR A 377 -3.40 -9.82 -34.45
C TYR A 377 -2.71 -9.44 -35.75
N ALA A 378 -2.01 -10.39 -36.39
CA ALA A 378 -1.41 -10.10 -37.68
C ALA A 378 -2.47 -9.78 -38.72
N ASP A 379 -3.59 -10.51 -38.70
CA ASP A 379 -4.68 -10.21 -39.61
C ASP A 379 -5.29 -8.84 -39.31
N LEU A 380 -5.42 -8.50 -38.02
CA LEU A 380 -5.88 -7.17 -37.64
C LEU A 380 -4.96 -6.09 -38.20
N TRP A 381 -3.65 -6.30 -38.12
CA TRP A 381 -2.72 -5.32 -38.67
C TRP A 381 -2.80 -5.23 -40.18
N ARG A 382 -3.00 -6.38 -40.86
CA ARG A 382 -3.03 -6.37 -42.31
C ARG A 382 -4.22 -5.59 -42.85
N ARG A 383 -5.38 -5.72 -42.20
CA ARG A 383 -6.57 -5.00 -42.63
C ARG A 383 -6.51 -3.51 -42.26
N SER A 384 -5.56 -3.10 -41.43
CA SER A 384 -5.47 -1.72 -40.99
C SER A 384 -5.14 -0.79 -42.15
N ARG A 385 -5.65 0.43 -42.06
CA ARG A 385 -5.40 1.46 -43.06
C ARG A 385 -5.13 2.79 -42.39
N VAL A 386 -4.30 3.60 -43.04
CA VAL A 386 -4.02 4.94 -42.55
C VAL A 386 -5.26 5.81 -42.73
N ARG A 387 -5.64 6.55 -41.69
CA ARG A 387 -6.81 7.41 -41.75
C ARG A 387 -6.59 8.80 -41.18
N ARG A 388 -5.39 9.12 -40.69
CA ARG A 388 -5.12 10.43 -40.15
C ARG A 388 -3.63 10.70 -40.18
N ALA A 389 -3.26 11.95 -39.91
CA ALA A 389 -1.88 12.35 -39.78
C ALA A 389 -1.56 12.59 -38.31
N VAL A 390 -0.53 11.94 -37.80
CA VAL A 390 -0.13 12.03 -36.41
C VAL A 390 1.27 12.59 -36.33
N SER A 391 1.48 13.54 -35.43
CA SER A 391 2.76 14.20 -35.23
C SER A 391 3.45 13.65 -33.98
N VAL A 392 4.72 14.03 -33.82
CA VAL A 392 5.48 13.62 -32.66
C VAL A 392 4.93 14.27 -31.39
N GLU A 393 4.55 15.55 -31.47
CA GLU A 393 4.02 16.25 -30.31
C GLU A 393 2.72 15.63 -29.84
N GLU A 394 1.85 15.24 -30.77
CA GLU A 394 0.60 14.60 -30.40
C GLU A 394 0.84 13.28 -29.68
N VAL A 395 1.79 12.49 -30.17
CA VAL A 395 2.10 11.21 -29.54
C VAL A 395 2.67 11.43 -28.14
N LEU A 396 3.56 12.41 -27.99
CA LEU A 396 4.22 12.63 -26.71
C LEU A 396 3.31 13.31 -25.69
N ARG A 397 2.27 14.01 -26.15
CA ARG A 397 1.33 14.67 -25.24
C ARG A 397 0.08 13.84 -24.99
N SER A 398 -0.01 12.63 -25.52
CA SER A 398 -1.21 11.81 -25.43
C SER A 398 -1.13 10.88 -24.23
N THR A 399 -2.26 10.74 -23.53
CA THR A 399 -2.37 9.73 -22.46
C THR A 399 -2.54 8.33 -23.03
N ALA A 400 -2.97 8.22 -24.28
CA ALA A 400 -3.09 6.92 -24.93
C ALA A 400 -1.73 6.28 -25.16
N THR A 401 -0.68 7.09 -25.35
CA THR A 401 0.66 6.54 -25.45
C THR A 401 1.06 5.85 -24.15
N VAL A 402 0.81 6.51 -23.02
CA VAL A 402 1.11 5.92 -21.72
C VAL A 402 0.28 4.67 -21.51
N GLY A 403 -1.00 4.73 -21.87
CA GLY A 403 -1.86 3.56 -21.73
C GLY A 403 -1.40 2.40 -22.60
N MET A 404 -0.97 2.67 -23.83
CA MET A 404 -0.53 1.62 -24.73
C MET A 404 0.77 0.99 -24.24
N VAL A 405 1.71 1.79 -23.75
CA VAL A 405 2.93 1.21 -23.20
C VAL A 405 2.62 0.40 -21.95
N LYS A 406 1.67 0.86 -21.13
CA LYS A 406 1.27 0.08 -19.96
C LYS A 406 0.62 -1.24 -20.37
N GLU A 407 -0.16 -1.23 -21.45
CA GLU A 407 -0.78 -2.46 -21.93
C GLU A 407 0.25 -3.44 -22.49
N LEU A 408 1.24 -2.93 -23.23
CA LEU A 408 2.32 -3.80 -23.70
C LEU A 408 3.10 -4.35 -22.52
N PHE A 409 3.33 -3.52 -21.50
CA PHE A 409 3.99 -3.98 -20.28
C PHE A 409 3.20 -5.09 -19.61
N ASN A 410 1.88 -4.94 -19.52
CA ASN A 410 1.04 -5.97 -18.92
C ASN A 410 1.06 -7.24 -19.74
N ALA A 411 0.97 -7.13 -21.07
CA ALA A 411 0.97 -8.30 -21.93
C ALA A 411 2.28 -9.07 -21.82
N PHE A 412 3.41 -8.36 -21.78
CA PHE A 412 4.72 -8.99 -21.72
C PHE A 412 4.82 -9.98 -20.57
N PHE A 413 4.32 -9.60 -19.40
CA PHE A 413 4.37 -10.48 -18.23
C PHE A 413 3.19 -11.44 -18.15
N ARG A 414 2.03 -11.05 -18.68
CA ARG A 414 0.81 -11.82 -18.43
C ARG A 414 0.63 -12.93 -19.46
N ASP A 415 0.67 -12.59 -20.75
CA ASP A 415 0.32 -13.56 -21.78
C ASP A 415 1.41 -13.72 -22.83
N ASP A 416 2.63 -13.26 -22.54
CA ASP A 416 3.72 -13.37 -23.51
C ASP A 416 4.88 -14.19 -22.96
N LEU A 417 5.46 -13.83 -21.82
CA LEU A 417 6.64 -14.51 -21.31
C LEU A 417 6.33 -15.50 -20.20
N TYR A 418 5.44 -15.13 -19.28
CA TYR A 418 4.96 -16.05 -18.25
C TYR A 418 3.59 -16.63 -18.60
N GLY A 419 3.14 -16.44 -19.83
CA GLY A 419 1.91 -17.04 -20.31
C GLY A 419 2.14 -18.05 -21.40
N ALA A 420 1.90 -17.65 -22.65
CA ALA A 420 1.97 -18.58 -23.78
C ALA A 420 3.38 -19.13 -23.97
N LEU A 421 4.40 -18.28 -23.83
CA LEU A 421 5.78 -18.68 -24.11
C LEU A 421 6.53 -19.06 -22.85
N SER A 422 5.82 -19.38 -21.77
CA SER A 422 6.48 -19.78 -20.53
C SER A 422 7.18 -21.12 -20.71
N SER A 423 8.38 -21.22 -20.13
CA SER A 423 9.16 -22.44 -20.24
C SER A 423 10.15 -22.50 -19.09
N LYS A 424 10.59 -23.72 -18.77
CA LYS A 424 11.60 -23.91 -17.74
C LYS A 424 13.02 -23.92 -18.31
N ARG A 425 13.17 -23.90 -19.63
CA ARG A 425 14.48 -23.77 -20.25
C ARG A 425 14.83 -22.33 -20.61
N ASN A 426 13.85 -21.42 -20.61
CA ASN A 426 14.12 -20.03 -20.86
C ASN A 426 15.01 -19.45 -19.76
N ILE A 427 16.02 -18.69 -20.16
CA ILE A 427 16.92 -18.03 -19.23
C ILE A 427 16.46 -16.59 -19.11
N ILE A 428 16.04 -16.20 -17.91
CA ILE A 428 15.39 -14.90 -17.70
C ILE A 428 16.47 -13.86 -17.43
N LEU A 429 16.66 -12.94 -18.38
CA LEU A 429 17.59 -11.84 -18.25
C LEU A 429 16.89 -10.51 -18.42
N SER A 430 15.59 -10.47 -18.09
CA SER A 430 14.77 -9.30 -18.32
C SER A 430 14.06 -8.81 -17.06
N SER A 431 14.32 -9.40 -15.90
CA SER A 431 13.61 -9.02 -14.69
C SER A 431 13.94 -7.59 -14.28
N GLY A 432 15.20 -7.20 -14.38
CA GLY A 432 15.63 -5.92 -13.85
C GLY A 432 15.87 -5.92 -12.37
N ALA A 433 15.91 -7.08 -11.74
CA ALA A 433 16.05 -7.21 -10.30
C ALA A 433 17.25 -8.07 -9.98
N VAL A 434 17.87 -7.80 -8.83
CA VAL A 434 18.98 -8.62 -8.37
C VAL A 434 18.46 -9.99 -7.97
N ASP A 435 19.21 -11.03 -8.33
CA ASP A 435 18.87 -12.38 -7.92
C ASP A 435 18.94 -12.51 -6.41
N GLU A 436 17.79 -12.59 -5.76
CA GLU A 436 17.73 -12.58 -4.29
C GLU A 436 18.29 -13.85 -3.66
N ASP A 437 18.55 -14.89 -4.44
CA ASP A 437 19.18 -16.09 -3.89
C ASP A 437 20.67 -15.89 -3.69
N GLU A 438 21.37 -15.45 -4.73
CA GLU A 438 22.81 -15.24 -4.63
C GLU A 438 23.14 -13.96 -3.90
N TYR A 439 22.40 -12.87 -4.18
CA TYR A 439 22.70 -11.55 -3.64
C TYR A 439 21.42 -11.02 -2.97
N GLY A 440 21.16 -11.50 -1.76
CA GLY A 440 19.94 -11.14 -1.08
C GLY A 440 20.14 -10.17 0.07
N LEU A 441 19.23 -10.22 1.04
CA LEU A 441 19.34 -9.36 2.21
C LEU A 441 20.50 -9.83 3.10
N PRO A 442 21.31 -8.91 3.61
CA PRO A 442 22.40 -9.30 4.50
C PRO A 442 21.86 -9.89 5.80
N ALA A 443 22.74 -10.63 6.48
CA ALA A 443 22.34 -11.37 7.67
C ALA A 443 21.88 -10.45 8.80
N ALA A 444 22.45 -9.25 8.91
CA ALA A 444 22.07 -8.34 9.98
C ALA A 444 20.61 -7.90 9.85
N LEU A 445 20.17 -7.57 8.63
CA LEU A 445 18.80 -7.13 8.43
C LEU A 445 17.82 -8.28 8.59
N LYS A 446 18.21 -9.48 8.16
CA LYS A 446 17.39 -10.67 8.41
C LYS A 446 17.24 -10.90 9.91
N GLU A 447 18.33 -10.70 10.66
CA GLU A 447 18.26 -10.86 12.10
C GLU A 447 17.37 -9.82 12.75
N THR A 448 17.39 -8.59 12.24
CA THR A 448 16.48 -7.57 12.77
C THR A 448 15.03 -7.94 12.49
N LEU A 449 14.75 -8.47 11.31
CA LEU A 449 13.38 -8.91 11.01
C LEU A 449 12.95 -10.05 11.95
N ARG A 450 13.85 -11.01 12.19
CA ARG A 450 13.56 -12.10 13.11
C ARG A 450 13.31 -11.57 14.52
N PHE A 451 14.11 -10.60 14.96
CA PHE A 451 13.93 -10.00 16.27
C PHE A 451 12.60 -9.27 16.38
N ALA A 452 12.22 -8.52 15.34
CA ALA A 452 10.94 -7.84 15.36
C ALA A 452 9.79 -8.83 15.41
N LEU A 453 9.96 -9.98 14.75
CA LEU A 453 8.95 -11.03 14.84
C LEU A 453 8.86 -11.59 16.25
N ALA A 454 10.00 -11.78 16.90
CA ALA A 454 10.00 -12.36 18.25
C ALA A 454 9.45 -11.40 19.29
N ARG A 455 9.52 -10.10 19.03
CA ARG A 455 9.06 -9.08 19.97
C ARG A 455 7.62 -8.65 19.73
N ASN A 456 6.92 -9.30 18.81
CA ASN A 456 5.55 -8.94 18.44
C ASN A 456 5.46 -7.48 17.99
N PHE A 457 6.48 -7.04 17.25
CA PHE A 457 6.53 -5.67 16.75
C PHE A 457 5.70 -5.52 15.49
N TYR A 458 4.43 -5.92 15.56
CA TYR A 458 3.49 -5.76 14.45
C TYR A 458 2.16 -5.18 14.93
N GLY A 459 2.20 -4.24 15.87
CA GLY A 459 1.03 -3.47 16.23
C GLY A 459 0.81 -2.32 15.28
N TYR A 460 -0.17 -1.49 15.62
CA TYR A 460 -0.45 -0.34 14.78
C TYR A 460 0.67 0.69 14.89
N SER A 461 0.97 1.33 13.76
CA SER A 461 2.04 2.32 13.67
C SER A 461 1.51 3.62 13.11
N ASP A 462 2.30 4.67 13.27
CA ASP A 462 1.92 5.99 12.80
C ASP A 462 1.85 6.02 11.27
N SER A 463 1.14 7.02 10.75
CA SER A 463 0.94 7.12 9.31
C SER A 463 2.25 7.38 8.56
N LEU A 464 3.20 8.06 9.19
CA LEU A 464 4.48 8.36 8.55
C LEU A 464 5.63 7.53 9.09
N GLY A 465 5.39 6.67 10.06
CA GLY A 465 6.43 5.83 10.62
C GLY A 465 6.75 6.19 12.07
N ARG A 466 7.56 5.33 12.67
CA ARG A 466 8.02 5.51 14.03
C ARG A 466 9.24 6.44 14.07
N GLN A 467 9.37 7.17 15.18
CA GLN A 467 10.36 8.24 15.30
C GLN A 467 11.82 7.78 15.22
N PRO A 468 12.25 6.72 15.91
CA PRO A 468 13.66 6.32 15.77
C PRO A 468 14.08 6.02 14.34
N ALA A 469 13.21 5.35 13.58
CA ALA A 469 13.54 5.03 12.19
C ALA A 469 13.67 6.29 11.34
N ARG A 470 12.76 7.25 11.54
CA ARG A 470 12.83 8.50 10.80
C ARG A 470 14.08 9.30 11.19
N GLU A 471 14.45 9.29 12.47
CA GLU A 471 15.66 9.99 12.90
C GLU A 471 16.91 9.36 12.30
N ALA A 472 16.99 8.03 12.30
CA ALA A 472 18.13 7.36 11.69
C ALA A 472 18.20 7.63 10.19
N VAL A 473 17.06 7.60 9.50
CA VAL A 473 17.05 7.88 8.07
C VAL A 473 17.48 9.32 7.80
N ALA A 474 17.03 10.26 8.63
CA ALA A 474 17.42 11.65 8.45
C ALA A 474 18.92 11.83 8.61
N ALA A 475 19.51 11.19 9.63
CA ALA A 475 20.95 11.29 9.81
C ALA A 475 21.70 10.68 8.63
N MET A 476 21.25 9.52 8.15
CA MET A 476 21.92 8.85 7.04
C MET A 476 21.84 9.69 5.76
N GLU A 477 20.70 10.34 5.52
CA GLU A 477 20.59 11.20 4.35
C GLU A 477 21.42 12.46 4.51
N SER A 478 21.52 12.99 5.73
CA SER A 478 22.29 14.22 5.95
C SER A 478 23.78 14.00 5.76
N VAL A 479 24.28 12.82 6.14
CA VAL A 479 25.72 12.61 6.10
C VAL A 479 26.27 12.65 4.68
N SER A 480 25.42 12.50 3.66
CA SER A 480 25.87 12.40 2.28
C SER A 480 25.77 13.70 1.49
N MET A 481 25.33 14.78 2.12
CA MET A 481 25.19 16.06 1.42
C MET A 481 26.45 16.89 1.55
N GLN A 482 26.73 17.69 0.51
CA GLN A 482 27.83 18.64 0.59
C GLN A 482 27.60 19.66 1.69
N GLN A 483 26.38 20.21 1.75
CA GLN A 483 25.98 21.11 2.81
C GLN A 483 24.50 20.91 3.06
N GLY A 484 24.07 21.25 4.28
CA GLY A 484 22.70 21.07 4.67
C GLY A 484 22.49 19.90 5.60
N HIS A 485 21.26 19.77 6.08
CA HIS A 485 20.95 18.82 7.13
C HIS A 485 19.48 18.46 7.06
N TYR A 486 19.19 17.19 7.36
CA TYR A 486 17.82 16.68 7.37
C TYR A 486 17.43 16.34 8.80
N GLU A 487 16.21 16.71 9.17
CA GLU A 487 15.61 16.32 10.44
C GLU A 487 14.58 15.22 10.21
N ALA A 488 14.18 14.57 11.30
CA ALA A 488 13.22 13.48 11.18
C ALA A 488 11.87 13.95 10.68
N ALA A 489 11.57 15.25 10.78
CA ALA A 489 10.30 15.78 10.30
C ALA A 489 10.21 15.80 8.78
N SER A 490 11.32 15.60 8.08
CA SER A 490 11.35 15.64 6.63
C SER A 490 11.36 14.25 6.01
N VAL A 491 11.13 13.21 6.80
CA VAL A 491 11.21 11.82 6.35
C VAL A 491 9.81 11.21 6.44
N ALA A 492 9.37 10.55 5.36
CA ALA A 492 8.14 9.78 5.39
C ALA A 492 8.43 8.35 4.94
N LEU A 493 8.10 7.39 5.79
CA LEU A 493 8.30 5.98 5.48
C LEU A 493 7.07 5.45 4.73
N THR A 494 7.33 4.75 3.62
CA THR A 494 6.29 4.32 2.68
C THR A 494 6.54 2.86 2.29
N MET A 495 5.61 2.31 1.51
CA MET A 495 5.69 0.92 1.07
C MET A 495 6.17 0.83 -0.38
N GLY A 496 7.41 1.28 -0.61
CA GLY A 496 8.02 1.13 -1.91
C GLY A 496 7.80 2.32 -2.84
N ALA A 497 8.58 2.32 -3.92
CA ALA A 497 8.59 3.48 -4.83
C ALA A 497 7.34 3.54 -5.69
N THR A 498 6.86 2.40 -6.20
CA THR A 498 5.65 2.44 -7.01
C THR A 498 4.49 3.03 -6.22
N HIS A 499 4.28 2.50 -5.01
CA HIS A 499 3.24 3.02 -4.14
C HIS A 499 3.50 4.47 -3.75
N THR A 500 4.77 4.84 -3.56
CA THR A 500 5.09 6.21 -3.16
C THR A 500 4.72 7.22 -4.25
N ILE A 501 5.16 6.99 -5.49
CA ILE A 501 4.80 7.90 -6.57
C ILE A 501 3.30 7.86 -6.85
N SER A 502 2.66 6.71 -6.73
CA SER A 502 1.21 6.68 -6.92
C SER A 502 0.50 7.52 -5.86
N SER A 503 0.90 7.37 -4.59
CA SER A 503 0.30 8.12 -3.50
C SER A 503 0.59 9.61 -3.64
N LEU A 504 1.82 9.96 -4.02
CA LEU A 504 2.17 11.38 -4.19
C LEU A 504 1.39 11.99 -5.33
N ALA A 505 1.21 11.27 -6.43
CA ALA A 505 0.41 11.79 -7.54
C ALA A 505 -1.03 12.01 -7.11
N ASP A 506 -1.59 11.06 -6.34
CA ASP A 506 -2.96 11.24 -5.85
C ASP A 506 -3.06 12.42 -4.89
N PHE A 507 -2.07 12.57 -4.00
CA PHE A 507 -2.12 13.56 -2.94
C PHE A 507 -1.85 14.95 -3.46
N ILE A 508 -0.99 15.07 -4.48
CA ILE A 508 -0.61 16.37 -5.02
C ILE A 508 -1.73 16.96 -5.87
N PHE A 509 -2.43 16.13 -6.62
CA PHE A 509 -3.36 16.59 -7.64
C PHE A 509 -4.80 16.70 -7.15
N ARG A 510 -5.00 16.89 -5.84
CA ARG A 510 -6.36 17.14 -5.33
C ARG A 510 -6.75 18.59 -5.52
N ASP A 511 -6.05 19.50 -4.85
CA ASP A 511 -6.26 20.94 -4.99
C ASP A 511 -5.00 21.49 -5.63
N ASN A 512 -4.97 21.49 -6.96
CA ASN A 512 -3.81 21.91 -7.73
C ASN A 512 -4.25 23.02 -8.70
N PRO A 513 -3.93 24.27 -8.40
CA PRO A 513 -4.37 25.37 -9.28
C PRO A 513 -3.79 25.30 -10.68
N TYR A 514 -2.65 24.64 -10.86
CA TYR A 514 -1.93 24.67 -12.13
C TYR A 514 -2.48 23.62 -13.09
N ALA A 515 -2.76 24.04 -14.31
CA ALA A 515 -3.42 23.20 -15.29
C ALA A 515 -2.50 22.66 -16.37
N ASP A 516 -1.23 23.03 -16.36
CA ASP A 516 -0.31 22.48 -17.36
C ASP A 516 0.00 21.02 -17.03
N ALA A 517 0.55 20.32 -18.01
CA ALA A 517 0.76 18.90 -17.89
C ALA A 517 1.92 18.58 -16.95
N ALA A 518 1.76 17.54 -16.15
CA ALA A 518 2.88 16.98 -15.41
C ALA A 518 3.91 16.42 -16.40
N ILE A 519 5.17 16.70 -16.15
CA ILE A 519 6.24 16.33 -17.07
C ILE A 519 6.88 15.04 -16.57
N CYS A 520 6.92 14.04 -17.44
CA CYS A 520 7.61 12.79 -17.15
C CYS A 520 8.80 12.67 -18.09
N ALA A 521 9.99 12.53 -17.52
CA ALA A 521 11.19 12.31 -18.31
C ALA A 521 11.26 10.84 -18.72
N ILE A 522 11.50 10.60 -20.01
CA ILE A 522 11.63 9.25 -20.53
C ILE A 522 13.09 9.04 -20.94
N PRO A 523 13.65 7.83 -20.81
CA PRO A 523 13.03 6.57 -20.39
C PRO A 523 12.60 6.53 -18.92
N ASN A 524 11.52 5.80 -18.64
CA ASN A 524 10.95 5.76 -17.31
C ASN A 524 10.30 4.40 -17.08
N TYR A 525 9.69 4.25 -15.90
CA TYR A 525 8.99 3.03 -15.53
C TYR A 525 7.51 3.19 -15.83
N PRO A 526 6.91 2.32 -16.63
CA PRO A 526 5.52 2.54 -17.09
C PRO A 526 4.51 2.62 -15.93
N PRO A 527 4.64 1.83 -14.86
CA PRO A 527 3.70 2.00 -13.74
C PRO A 527 3.69 3.40 -13.15
N LEU A 528 4.85 4.03 -13.00
CA LEU A 528 4.90 5.38 -12.43
C LEU A 528 4.23 6.39 -13.34
N VAL A 529 4.52 6.30 -14.64
CA VAL A 529 3.94 7.24 -15.59
C VAL A 529 2.44 7.04 -15.68
N GLN A 530 1.97 5.80 -15.63
CA GLN A 530 0.53 5.54 -15.67
C GLN A 530 -0.15 6.05 -14.40
N SER A 531 0.48 5.85 -13.23
CA SER A 531 -0.12 6.34 -12.00
C SER A 531 -0.22 7.86 -11.99
N ILE A 532 0.78 8.54 -12.57
CA ILE A 532 0.69 9.99 -12.67
C ILE A 532 -0.38 10.40 -13.68
N ALA A 533 -0.44 9.72 -14.84
CA ALA A 533 -1.43 10.08 -15.86
C ALA A 533 -2.85 9.76 -15.42
N TRP A 534 -3.01 8.92 -14.39
CA TRP A 534 -4.33 8.71 -13.82
C TRP A 534 -4.95 10.01 -13.31
N ARG A 535 -4.11 10.90 -12.78
CA ARG A 535 -4.58 12.11 -12.10
C ARG A 535 -4.52 13.37 -12.94
N HIS A 536 -3.54 13.48 -13.83
CA HIS A 536 -3.32 14.71 -14.58
C HIS A 536 -2.76 14.37 -15.96
N PRO A 537 -3.03 15.22 -16.96
CA PRO A 537 -2.40 15.01 -18.28
C PRO A 537 -0.88 15.09 -18.17
N VAL A 538 -0.22 14.27 -18.98
CA VAL A 538 1.22 14.06 -18.90
C VAL A 538 1.86 14.45 -20.22
N LEU A 539 2.98 15.16 -20.13
CA LEU A 539 3.86 15.41 -21.26
C LEU A 539 5.13 14.59 -21.09
N LEU A 540 5.46 13.79 -22.09
CA LEU A 540 6.65 12.95 -22.06
C LEU A 540 7.80 13.69 -22.71
N VAL A 541 8.91 13.85 -21.99
CA VAL A 541 10.07 14.58 -22.47
C VAL A 541 11.26 13.65 -22.52
N PRO A 542 11.85 13.40 -23.69
CA PRO A 542 13.06 12.56 -23.74
C PRO A 542 14.22 13.20 -22.99
N THR A 543 15.02 12.36 -22.37
CA THR A 543 16.17 12.79 -21.58
C THR A 543 17.37 11.99 -22.09
N PRO A 544 17.92 12.37 -23.23
CA PRO A 544 18.90 11.51 -23.91
C PRO A 544 20.22 11.40 -23.17
N SER A 545 20.91 10.30 -23.42
CA SER A 545 22.18 9.98 -22.78
C SER A 545 23.30 10.00 -23.82
N HIS A 546 24.50 10.35 -23.36
CA HIS A 546 25.68 10.36 -24.23
C HIS A 546 26.89 10.06 -23.35
N GLY A 547 27.47 8.87 -23.51
CA GLY A 547 28.63 8.48 -22.74
C GLY A 547 28.38 8.31 -21.26
N GLY A 548 27.23 7.74 -20.90
CA GLY A 548 26.90 7.56 -19.50
C GLY A 548 26.47 8.79 -18.76
N THR A 549 26.20 9.89 -19.47
CA THR A 549 25.78 11.14 -18.86
C THR A 549 24.41 11.50 -19.39
N THR A 550 23.46 11.72 -18.48
CA THR A 550 22.10 12.02 -18.86
C THR A 550 21.94 13.52 -19.05
N SER A 551 21.32 13.92 -20.16
CA SER A 551 21.22 15.32 -20.55
C SER A 551 19.84 15.86 -20.19
N LEU A 552 19.80 16.89 -19.35
CA LEU A 552 18.58 17.59 -18.98
C LEU A 552 18.37 18.85 -19.81
N GLN A 553 18.91 18.88 -21.02
CA GLN A 553 18.86 20.10 -21.85
C GLN A 553 17.45 20.37 -22.33
N ALA A 554 16.77 19.36 -22.87
CA ALA A 554 15.40 19.55 -23.34
C ALA A 554 14.40 19.59 -22.19
N LEU A 555 14.70 18.90 -21.09
CA LEU A 555 13.82 18.91 -19.94
C LEU A 555 13.71 20.31 -19.35
N SER A 556 14.83 21.03 -19.27
CA SER A 556 14.80 22.39 -18.74
C SER A 556 13.93 23.30 -19.60
N ARG A 557 14.01 23.16 -20.92
CA ARG A 557 13.16 23.95 -21.81
C ARG A 557 11.70 23.56 -21.66
N ALA A 558 11.43 22.28 -21.43
CA ALA A 558 10.04 21.83 -21.31
C ALA A 558 9.35 22.40 -20.09
N VAL A 559 10.06 22.48 -18.96
CA VAL A 559 9.44 22.90 -17.71
C VAL A 559 8.98 24.35 -17.80
N THR A 560 7.80 24.62 -17.25
CA THR A 560 7.07 25.86 -17.26
C THR A 560 6.81 26.32 -15.83
N PRO A 561 6.71 27.63 -15.57
CA PRO A 561 6.37 28.08 -14.22
C PRO A 561 5.03 27.54 -13.71
N ASN A 562 4.15 27.09 -14.58
CA ASN A 562 2.88 26.50 -14.17
C ASN A 562 2.89 24.98 -14.23
N THR A 563 4.05 24.36 -14.36
CA THR A 563 4.11 22.90 -14.31
C THR A 563 3.78 22.42 -12.90
N PRO A 564 2.83 21.51 -12.74
CA PRO A 564 2.48 21.02 -11.39
C PRO A 564 3.60 20.20 -10.76
N MET A 565 4.12 19.22 -11.50
CA MET A 565 5.15 18.35 -10.98
C MET A 565 5.97 17.79 -12.12
N VAL A 566 7.19 17.37 -11.78
CA VAL A 566 8.14 16.79 -12.73
C VAL A 566 8.71 15.53 -12.12
N LEU A 567 8.55 14.40 -12.79
CA LEU A 567 9.10 13.13 -12.35
C LEU A 567 10.40 12.88 -13.11
N LEU A 568 11.51 12.82 -12.40
CA LEU A 568 12.82 12.67 -13.03
C LEU A 568 13.62 11.59 -12.33
N GLN A 569 14.30 10.76 -13.12
CA GLN A 569 15.10 9.65 -12.61
C GLN A 569 16.57 10.03 -12.65
N THR A 570 17.21 10.07 -11.48
CA THR A 570 18.61 10.50 -11.42
C THR A 570 19.55 9.43 -11.94
N GLY A 571 19.31 8.17 -11.60
CA GLY A 571 20.02 7.06 -12.22
C GLY A 571 19.12 6.39 -13.23
N THR A 572 19.47 6.50 -14.51
CA THR A 572 18.54 6.17 -15.58
C THR A 572 18.49 4.68 -15.86
N ASN A 573 17.29 4.18 -16.03
CA ASN A 573 16.93 2.86 -16.51
C ASN A 573 16.36 3.01 -17.93
N PRO A 574 16.71 2.12 -18.86
CA PRO A 574 17.52 0.90 -18.79
C PRO A 574 19.00 1.06 -19.10
N CYS A 575 19.40 2.24 -19.57
CA CYS A 575 20.75 2.40 -20.11
C CYS A 575 21.81 2.48 -19.02
N GLY A 576 21.44 2.93 -17.82
CA GLY A 576 22.42 3.08 -16.77
C GLY A 576 23.17 4.39 -16.76
N SER A 577 22.66 5.41 -17.43
CA SER A 577 23.32 6.71 -17.42
C SER A 577 22.94 7.49 -16.16
N LEU A 578 23.77 8.45 -15.82
CA LEU A 578 23.66 9.19 -14.57
C LEU A 578 23.69 10.69 -14.85
N VAL A 579 22.78 11.43 -14.21
CA VAL A 579 22.76 12.88 -14.38
C VAL A 579 23.99 13.49 -13.72
N ASP A 580 24.44 14.61 -14.25
CA ASP A 580 25.54 15.35 -13.64
C ASP A 580 25.01 16.19 -12.49
N GLU A 581 25.76 16.19 -11.38
CA GLU A 581 25.30 16.88 -10.18
C GLU A 581 25.16 18.37 -10.41
N LEU A 582 26.10 18.98 -11.14
CA LEU A 582 25.99 20.40 -11.44
C LEU A 582 24.79 20.69 -12.34
N GLU A 583 24.57 19.86 -13.36
CA GLU A 583 23.43 20.06 -14.24
C GLU A 583 22.11 19.88 -13.49
N LEU A 584 22.04 18.87 -12.63
CA LEU A 584 20.84 18.67 -11.83
C LEU A 584 20.61 19.85 -10.90
N GLU A 585 21.68 20.37 -10.29
CA GLU A 585 21.57 21.54 -9.43
C GLU A 585 21.04 22.75 -10.19
N ARG A 586 21.57 22.99 -11.39
CA ARG A 586 21.13 24.13 -12.17
C ARG A 586 19.66 23.98 -12.58
N PHE A 587 19.27 22.78 -13.01
CA PHE A 587 17.88 22.55 -13.40
C PHE A 587 16.93 22.74 -12.21
N ILE A 588 17.32 22.25 -11.04
CA ILE A 588 16.49 22.42 -9.85
C ILE A 588 16.36 23.89 -9.49
N GLN A 589 17.48 24.63 -9.52
CA GLN A 589 17.43 26.06 -9.21
C GLN A 589 16.65 26.86 -10.24
N SER A 590 16.53 26.37 -11.47
CA SER A 590 15.80 27.09 -12.50
C SER A 590 14.30 26.81 -12.50
N THR A 591 13.75 26.32 -11.39
CA THR A 591 12.35 25.93 -11.31
C THR A 591 11.61 26.75 -10.26
N SER A 592 10.34 27.01 -10.54
CA SER A 592 9.49 27.72 -9.58
C SER A 592 9.18 26.84 -8.38
N LEU A 593 8.98 27.47 -7.23
CA LEU A 593 8.61 26.75 -6.02
C LEU A 593 7.24 26.11 -6.11
N SER A 594 6.44 26.50 -7.09
CA SER A 594 5.14 25.87 -7.33
C SER A 594 5.27 24.54 -8.07
N THR A 595 6.42 24.24 -8.64
CA THR A 595 6.65 23.00 -9.38
C THR A 595 7.33 22.01 -8.45
N LEU A 596 6.59 20.99 -8.03
CA LEU A 596 7.21 19.91 -7.27
C LEU A 596 8.05 19.04 -8.18
N ILE A 597 9.19 18.59 -7.66
CA ILE A 597 10.13 17.76 -8.41
C ILE A 597 10.32 16.48 -7.64
N ILE A 598 9.91 15.35 -8.24
CA ILE A 598 10.09 14.04 -7.65
C ILE A 598 11.32 13.40 -8.27
N LEU A 599 12.36 13.26 -7.45
CA LEU A 599 13.60 12.61 -7.86
C LEU A 599 13.53 11.14 -7.50
N ASP A 600 13.41 10.28 -8.51
CA ASP A 600 13.43 8.84 -8.33
C ASP A 600 14.89 8.39 -8.31
N GLU A 601 15.36 7.96 -7.14
CA GLU A 601 16.77 7.63 -6.94
C GLU A 601 16.97 6.15 -6.65
N CYS A 602 16.11 5.29 -7.21
CA CYS A 602 16.21 3.86 -6.94
C CYS A 602 17.37 3.20 -7.67
N HIS A 603 17.91 3.83 -8.70
CA HIS A 603 18.99 3.24 -9.49
C HIS A 603 20.33 3.94 -9.28
N GLU A 604 20.41 4.86 -8.32
CA GLU A 604 21.64 5.62 -8.07
C GLU A 604 22.54 4.86 -7.10
N TRP A 605 23.10 3.77 -7.59
CA TRP A 605 24.02 2.95 -6.80
C TRP A 605 24.89 2.16 -7.77
N LEU A 606 25.87 1.46 -7.19
CA LEU A 606 26.83 0.65 -7.95
C LEU A 606 27.58 1.49 -8.98
N GLY A 607 28.34 2.44 -8.48
CA GLY A 607 29.15 3.32 -9.30
C GLY A 607 28.72 4.78 -9.27
N ALA A 608 27.51 5.06 -8.80
CA ALA A 608 27.05 6.44 -8.75
C ALA A 608 27.74 7.17 -7.60
N PRO A 609 28.35 8.33 -7.84
CA PRO A 609 28.83 9.15 -6.73
C PRO A 609 27.65 9.79 -6.02
N ARG A 610 27.69 9.77 -4.69
CA ARG A 610 26.54 10.17 -3.89
C ARG A 610 26.86 11.40 -3.04
N HIS A 611 27.50 12.39 -3.64
CA HIS A 611 27.75 13.68 -3.03
C HIS A 611 26.72 14.65 -3.60
N PHE A 612 25.67 14.93 -2.82
CA PHE A 612 24.51 15.62 -3.33
C PHE A 612 24.61 17.12 -3.07
N SER A 613 24.24 17.91 -4.07
CA SER A 613 24.26 19.35 -3.93
C SER A 613 23.14 19.80 -2.98
N PRO A 614 23.31 20.95 -2.32
CA PRO A 614 22.23 21.47 -1.47
C PRO A 614 20.97 21.81 -2.23
N ALA A 615 21.05 22.02 -3.55
CA ALA A 615 19.85 22.28 -4.34
C ALA A 615 18.88 21.12 -4.25
N ARG A 616 19.39 19.91 -4.03
CA ARG A 616 18.55 18.72 -3.89
C ARG A 616 17.71 18.76 -2.62
N GLN A 617 18.01 19.68 -1.70
CA GLN A 617 17.26 19.84 -0.47
C GLN A 617 16.28 21.02 -0.52
N ARG A 618 15.96 21.49 -1.72
CA ARG A 618 15.08 22.63 -1.88
C ARG A 618 13.68 22.31 -1.36
N ALA A 619 12.85 23.35 -1.27
CA ALA A 619 11.52 23.21 -0.69
C ALA A 619 10.54 22.51 -1.62
N ASN A 620 10.82 22.47 -2.92
CA ASN A 620 9.91 21.85 -3.89
C ASN A 620 10.47 20.53 -4.44
N VAL A 621 11.45 19.94 -3.78
CA VAL A 621 12.10 18.71 -4.24
C VAL A 621 11.68 17.58 -3.32
N ILE A 622 11.19 16.50 -3.92
CA ILE A 622 10.85 15.27 -3.20
C ILE A 622 11.80 14.18 -3.69
N ARG A 623 12.52 13.57 -2.77
CA ARG A 623 13.49 12.52 -3.09
C ARG A 623 12.92 11.18 -2.65
N VAL A 624 12.66 10.30 -3.60
CA VAL A 624 12.00 9.02 -3.36
C VAL A 624 13.04 7.90 -3.47
N SER A 625 13.03 6.99 -2.49
CA SER A 625 13.94 5.86 -2.54
C SER A 625 13.26 4.63 -1.96
N SER A 626 13.73 3.47 -2.37
CA SER A 626 13.20 2.20 -1.91
C SER A 626 14.34 1.25 -1.65
N LEU A 627 14.02 0.12 -1.03
CA LEU A 627 15.00 -0.93 -0.75
C LEU A 627 14.97 -2.04 -1.78
N SER A 628 14.14 -1.93 -2.81
CA SER A 628 13.92 -3.01 -3.77
C SER A 628 15.16 -3.38 -4.56
N1 LLP A 629 11.67 3.05 -9.99
C2 LLP A 629 12.11 2.42 -11.08
C2' LLP A 629 12.40 3.22 -12.39
C3 LLP A 629 12.32 1.01 -11.05
O3 LLP A 629 12.76 0.35 -12.19
C4 LLP A 629 12.05 0.30 -9.90
C4' LLP A 629 12.28 -1.29 -9.89
C5 LLP A 629 11.61 0.94 -8.80
C6 LLP A 629 11.42 2.34 -8.82
C5' LLP A 629 11.33 0.13 -7.49
OP4 LLP A 629 10.02 0.37 -7.01
P LLP A 629 9.44 -0.64 -6.01
OP1 LLP A 629 9.68 -2.06 -6.53
OP2 LLP A 629 7.99 -0.41 -5.86
OP3 LLP A 629 10.10 -0.49 -4.70
N LLP A 629 15.94 -2.38 -4.95
CA LLP A 629 17.10 -2.63 -5.83
CB LLP A 629 17.21 -1.53 -6.85
CG LLP A 629 16.74 -2.08 -8.20
CD LLP A 629 15.60 -1.20 -8.74
CE LLP A 629 14.34 -2.04 -8.95
NZ LLP A 629 13.66 -1.58 -10.17
C LLP A 629 18.37 -2.74 -5.07
O LLP A 629 19.03 -3.76 -5.14
N ASN A 630 18.73 -1.69 -4.34
CA ASN A 630 20.01 -1.64 -3.64
C ASN A 630 20.17 -2.75 -2.59
N TRP A 631 19.07 -3.14 -1.94
CA TRP A 631 19.12 -4.23 -0.97
C TRP A 631 18.38 -5.48 -1.44
N SER A 632 17.76 -5.43 -2.62
CA SER A 632 17.17 -6.60 -3.28
C SER A 632 16.05 -7.22 -2.44
N VAL A 633 15.14 -6.38 -1.95
CA VAL A 633 13.98 -6.84 -1.22
C VAL A 633 12.72 -6.19 -1.76
N PRO A 634 12.34 -6.44 -3.01
CA PRO A 634 11.07 -5.91 -3.52
C PRO A 634 9.86 -6.45 -2.78
N GLY A 635 9.94 -7.67 -2.25
CA GLY A 635 8.80 -8.28 -1.60
C GLY A 635 8.53 -7.75 -0.21
N LEU A 636 9.50 -7.07 0.40
CA LEU A 636 9.25 -6.42 1.69
C LEU A 636 8.45 -5.13 1.53
N LYS A 637 8.63 -4.43 0.41
CA LYS A 637 7.94 -3.17 0.12
C LYS A 637 8.23 -2.12 1.20
N VAL A 638 9.49 -1.72 1.28
CA VAL A 638 9.96 -0.71 2.22
C VAL A 638 10.60 0.42 1.43
N GLY A 639 10.22 1.65 1.73
CA GLY A 639 10.87 2.79 1.13
C GLY A 639 10.63 4.03 1.97
N TRP A 640 11.12 5.16 1.47
CA TRP A 640 10.85 6.43 2.13
C TRP A 640 11.10 7.56 1.15
N PHE A 641 10.55 8.73 1.48
CA PHE A 641 10.86 9.92 0.72
C PHE A 641 11.19 11.09 1.65
N LEU A 642 11.98 12.01 1.12
CA LEU A 642 12.43 13.21 1.78
C LEU A 642 11.77 14.41 1.13
N ALA A 643 11.18 15.28 1.94
CA ALA A 643 10.53 16.47 1.42
C ALA A 643 10.55 17.55 2.49
N ASP A 644 9.98 18.71 2.18
CA ASP A 644 9.87 19.77 3.15
C ASP A 644 9.00 19.32 4.31
N PRO A 645 9.31 19.73 5.55
CA PRO A 645 8.53 19.25 6.69
C PRO A 645 7.05 19.55 6.61
N ALA A 646 6.66 20.69 6.03
CA ALA A 646 5.24 20.99 5.88
C ALA A 646 4.56 20.00 4.96
N LEU A 647 5.22 19.63 3.86
CA LEU A 647 4.65 18.65 2.95
C LEU A 647 4.50 17.29 3.61
N VAL A 648 5.47 16.89 4.43
CA VAL A 648 5.37 15.63 5.15
C VAL A 648 4.22 15.67 6.16
N SER A 649 4.08 16.81 6.85
CA SER A 649 2.99 16.96 7.80
C SER A 649 1.63 16.89 7.11
N ARG A 650 1.54 17.40 5.89
CA ARG A 650 0.30 17.26 5.14
C ARG A 650 0.10 15.82 4.65
N TYR A 651 1.18 15.14 4.27
CA TYR A 651 1.10 13.76 3.81
C TYR A 651 0.71 12.79 4.91
N TYR A 652 0.89 13.19 6.18
CA TYR A 652 0.44 12.35 7.29
C TYR A 652 -1.02 11.96 7.14
N GLU A 653 -1.89 12.94 6.90
CA GLU A 653 -3.32 12.64 6.83
C GLU A 653 -3.66 11.78 5.62
N PHE A 654 -3.02 12.04 4.48
CA PHE A 654 -3.24 11.21 3.30
C PHE A 654 -2.86 9.77 3.58
N ALA A 655 -1.71 9.54 4.22
CA ALA A 655 -1.30 8.18 4.52
C ALA A 655 -2.25 7.53 5.51
N SER A 656 -2.76 8.31 6.47
CA SER A 656 -3.72 7.79 7.42
C SER A 656 -4.99 7.31 6.73
N THR A 657 -5.50 8.09 5.79
CA THR A 657 -6.76 7.73 5.14
C THR A 657 -6.57 6.61 4.12
N SER A 658 -5.45 6.60 3.41
CA SER A 658 -5.30 5.69 2.28
C SER A 658 -4.98 4.27 2.73
N TYR A 659 -3.97 4.12 3.57
CA TYR A 659 -3.55 2.79 3.99
C TYR A 659 -3.24 2.68 5.47
N GLY A 660 -3.39 3.76 6.24
CA GLY A 660 -3.13 3.73 7.66
C GLY A 660 -1.68 3.51 8.06
N GLY A 661 -0.74 4.06 7.29
CA GLY A 661 0.65 4.00 7.64
C GLY A 661 1.35 2.77 7.12
N PRO A 662 2.68 2.76 7.20
CA PRO A 662 3.47 1.63 6.68
C PRO A 662 3.53 0.49 7.70
N GLN A 663 4.23 -0.57 7.31
CA GLN A 663 4.39 -1.72 8.19
C GLN A 663 5.28 -1.36 9.36
N SER A 664 4.78 -1.57 10.58
CA SER A 664 5.62 -1.40 11.75
C SER A 664 6.66 -2.52 11.83
N PHE A 665 6.35 -3.67 11.25
CA PHE A 665 7.17 -4.86 11.37
C PHE A 665 8.57 -4.67 10.82
N VAL A 666 8.78 -3.65 9.97
CA VAL A 666 10.08 -3.42 9.36
C VAL A 666 10.84 -2.27 10.00
N TYR A 667 10.24 -1.55 10.96
CA TYR A 667 10.86 -0.34 11.49
C TYR A 667 12.27 -0.61 11.98
N THR A 668 12.43 -1.64 12.82
CA THR A 668 13.75 -1.97 13.34
C THR A 668 14.75 -2.11 12.20
N LEU A 669 14.39 -2.90 11.18
CA LEU A 669 15.29 -3.07 10.03
C LEU A 669 15.73 -1.73 9.50
N VAL A 670 14.76 -0.84 9.22
CA VAL A 670 15.09 0.45 8.66
C VAL A 670 16.10 1.16 9.54
N GLU A 671 15.81 1.22 10.84
CA GLU A 671 16.72 1.88 11.76
C GLU A 671 18.10 1.24 11.70
N VAL A 672 18.16 -0.09 11.82
CA VAL A 672 19.45 -0.75 11.83
C VAL A 672 20.16 -0.53 10.52
N LEU A 673 19.42 -0.44 9.42
CA LEU A 673 20.05 -0.13 8.14
C LEU A 673 20.68 1.26 8.19
N ALA A 674 19.87 2.26 8.55
CA ALA A 674 20.29 3.64 8.34
C ALA A 674 21.55 3.95 9.12
N ARG A 675 21.54 3.68 10.43
CA ARG A 675 22.72 3.90 11.25
C ARG A 675 23.91 3.18 10.67
N PHE A 676 23.74 1.90 10.31
CA PHE A 676 24.85 1.16 9.72
C PHE A 676 25.39 1.89 8.49
N GLU A 677 24.48 2.29 7.60
CA GLU A 677 24.90 2.98 6.40
C GLU A 677 25.68 4.23 6.75
N ARG A 678 25.21 4.98 7.75
CA ARG A 678 25.91 6.20 8.14
C ARG A 678 27.31 5.87 8.62
N TRP A 679 27.46 4.82 9.43
CA TRP A 679 28.79 4.50 9.93
C TRP A 679 29.72 4.05 8.83
N ILE A 680 29.19 3.72 7.65
CA ILE A 680 30.06 3.43 6.52
C ILE A 680 30.47 4.72 5.82
N ILE A 681 29.55 5.66 5.67
CA ILE A 681 29.88 6.92 5.01
C ILE A 681 30.83 7.74 5.87
N GLU A 682 30.64 7.70 7.19
CA GLU A 682 31.54 8.34 8.14
C GLU A 682 32.92 7.71 8.19
N GLY A 683 33.16 6.64 7.43
CA GLY A 683 34.45 5.99 7.44
C GLY A 683 34.81 5.34 8.76
N ARG A 684 33.85 4.67 9.39
CA ARG A 684 34.08 3.99 10.66
C ARG A 684 34.41 2.52 10.39
N THR A 685 35.62 2.11 10.75
CA THR A 685 35.98 0.71 10.68
C THR A 685 35.45 -0.07 11.87
N SER A 686 35.47 0.53 13.06
CA SER A 686 35.06 -0.13 14.28
C SER A 686 34.04 0.72 15.03
N ILE A 687 33.46 0.13 16.06
CA ILE A 687 32.36 0.72 16.83
C ILE A 687 32.72 0.66 18.30
N ASP A 688 32.47 1.76 19.01
CA ASP A 688 32.67 1.82 20.45
C ASP A 688 31.31 2.06 21.13
N GLN A 689 31.36 2.34 22.44
CA GLN A 689 30.12 2.55 23.19
C GLN A 689 29.33 3.76 22.73
N GLN A 690 29.97 4.71 22.05
CA GLN A 690 29.25 5.91 21.61
C GLN A 690 28.20 5.57 20.56
N GLN A 691 28.51 4.65 19.65
CA GLN A 691 27.53 4.24 18.65
C GLN A 691 26.47 3.30 19.20
N LEU A 692 26.70 2.69 20.35
CA LEU A 692 25.70 1.80 20.93
C LEU A 692 24.53 2.56 21.55
N ARG A 693 24.76 3.80 22.01
CA ARG A 693 23.68 4.65 22.49
C ARG A 693 22.81 5.18 21.36
N GLU A 694 23.18 4.96 20.10
CA GLU A 694 22.30 5.32 19.00
C GLU A 694 20.97 4.57 19.11
N PHE A 695 21.02 3.30 19.46
CA PHE A 695 19.84 2.47 19.64
C PHE A 695 19.32 2.57 21.07
N SER A 696 18.05 2.23 21.24
CA SER A 696 17.44 2.23 22.57
C SER A 696 17.90 1.01 23.36
N ALA A 697 17.90 1.15 24.69
CA ALA A 697 18.32 0.06 25.56
C ALA A 697 17.31 -1.08 25.62
N SER A 698 16.10 -0.89 25.08
CA SER A 698 15.12 -1.97 25.04
C SER A 698 15.58 -3.11 24.15
N TYR A 699 16.36 -2.81 23.10
CA TYR A 699 16.84 -3.85 22.21
C TYR A 699 17.79 -4.82 22.91
N GLY A 700 18.42 -4.39 24.01
CA GLY A 700 19.38 -5.22 24.72
C GLY A 700 20.65 -5.51 23.97
N LEU A 701 21.24 -4.51 23.33
CA LEU A 701 22.45 -4.69 22.53
C LEU A 701 23.70 -4.73 23.41
N GLN A 702 24.64 -5.57 23.01
CA GLN A 702 25.96 -5.64 23.62
C GLN A 702 26.97 -5.02 22.66
N LEU A 703 28.10 -4.55 23.20
CA LEU A 703 29.09 -3.89 22.37
C LEU A 703 29.77 -4.88 21.43
N GLY A 704 30.18 -6.04 21.96
CA GLY A 704 30.91 -7.00 21.13
C GLY A 704 30.08 -7.54 20.00
N SER A 705 28.85 -7.95 20.30
CA SER A 705 27.97 -8.51 19.27
C SER A 705 27.65 -7.47 18.20
N LEU A 706 27.33 -6.26 18.61
CA LEU A 706 27.03 -5.20 17.65
C LEU A 706 28.24 -4.88 16.79
N SER A 707 29.44 -4.85 17.40
CA SER A 707 30.65 -4.57 16.63
C SER A 707 30.91 -5.64 15.59
N GLN A 708 30.82 -6.92 16.00
CA GLN A 708 31.04 -8.01 15.04
C GLN A 708 30.00 -7.99 13.93
N THR A 709 28.74 -7.73 14.28
CA THR A 709 27.68 -7.65 13.28
C THR A 709 27.96 -6.54 12.27
N TYR A 710 28.40 -5.37 12.75
CA TYR A 710 28.70 -4.27 11.84
C TYR A 710 29.87 -4.61 10.93
N GLU A 711 30.92 -5.22 11.47
CA GLU A 711 32.05 -5.65 10.64
C GLU A 711 31.57 -6.57 9.52
N HIS A 712 30.77 -7.58 9.87
CA HIS A 712 30.30 -8.52 8.87
C HIS A 712 29.39 -7.87 7.85
N TYR A 713 28.55 -6.93 8.28
CA TYR A 713 27.67 -6.23 7.35
C TYR A 713 28.48 -5.42 6.33
N VAL A 714 29.52 -4.73 6.81
CA VAL A 714 30.38 -3.98 5.90
C VAL A 714 31.05 -4.90 4.91
N ALA A 715 31.56 -6.04 5.38
CA ALA A 715 32.21 -6.99 4.48
C ALA A 715 31.23 -7.50 3.43
N GLU A 716 30.02 -7.84 3.84
CA GLU A 716 29.02 -8.38 2.91
C GLU A 716 28.64 -7.35 1.86
N ARG A 717 28.41 -6.10 2.26
CA ARG A 717 28.06 -5.07 1.30
C ARG A 717 29.19 -4.84 0.30
N ARG A 718 30.43 -4.78 0.79
CA ARG A 718 31.56 -4.58 -0.10
C ARG A 718 31.70 -5.72 -1.10
N ALA A 719 31.56 -6.96 -0.63
CA ALA A 719 31.68 -8.11 -1.52
C ALA A 719 30.57 -8.12 -2.57
N ARG A 720 29.34 -7.84 -2.15
CA ARG A 720 28.23 -7.80 -3.10
C ARG A 720 28.48 -6.75 -4.18
N GLU A 721 28.95 -5.57 -3.79
CA GLU A 721 29.21 -4.52 -4.77
C GLU A 721 30.29 -4.93 -5.76
N GLN A 722 31.39 -5.54 -5.27
CA GLN A 722 32.46 -5.95 -6.17
C GLN A 722 31.98 -7.02 -7.16
N VAL A 723 31.23 -8.00 -6.66
CA VAL A 723 30.74 -9.06 -7.54
C VAL A 723 29.79 -8.49 -8.60
N LEU A 724 28.90 -7.59 -8.20
CA LEU A 724 27.95 -7.04 -9.15
C LEU A 724 28.64 -6.18 -10.21
N LEU A 725 29.63 -5.39 -9.81
CA LEU A 725 30.40 -4.62 -10.78
C LEU A 725 31.13 -5.53 -11.77
N GLY A 726 31.74 -6.60 -11.26
CA GLY A 726 32.40 -7.54 -12.15
C GLY A 726 31.43 -8.17 -13.15
N LEU A 727 30.25 -8.56 -12.67
CA LEU A 727 29.26 -9.16 -13.57
C LEU A 727 28.80 -8.18 -14.64
N ARG A 728 28.53 -6.93 -14.26
CA ARG A 728 28.10 -5.95 -15.25
C ARG A 728 29.19 -5.70 -16.29
N GLY A 729 30.45 -5.58 -15.85
CA GLY A 729 31.53 -5.39 -16.81
C GLY A 729 31.69 -6.57 -17.76
N GLU A 730 31.62 -7.79 -17.23
CA GLU A 730 31.75 -8.96 -18.08
C GLU A 730 30.61 -9.04 -19.08
N ALA A 731 29.39 -8.74 -18.66
CA ALA A 731 28.26 -8.77 -19.58
C ALA A 731 28.43 -7.75 -20.69
N THR A 732 28.88 -6.54 -20.34
CA THR A 732 29.09 -5.52 -21.37
C THR A 732 30.16 -5.95 -22.36
N SER A 733 31.27 -6.52 -21.85
CA SER A 733 32.34 -6.97 -22.75
C SER A 733 31.86 -8.08 -23.68
N CYS A 734 31.11 -9.04 -23.15
CA CYS A 734 30.62 -10.14 -23.98
C CYS A 734 29.66 -9.64 -25.05
N LEU A 735 28.74 -8.75 -24.67
CA LEU A 735 27.79 -8.22 -25.65
C LEU A 735 28.51 -7.44 -26.74
N ARG A 736 29.53 -6.67 -26.38
CA ARG A 736 30.29 -5.95 -27.40
C ARG A 736 31.06 -6.91 -28.31
N ARG A 737 31.65 -7.96 -27.74
CA ARG A 737 32.38 -8.92 -28.55
C ARG A 737 31.45 -9.72 -29.46
N ALA A 738 30.17 -9.83 -29.12
CA ALA A 738 29.18 -10.47 -29.98
C ALA A 738 28.59 -9.51 -31.00
N SER A 739 29.25 -8.39 -31.27
CA SER A 739 28.85 -7.42 -32.30
C SER A 739 27.46 -6.85 -32.01
N MET A 740 27.36 -6.14 -30.88
CA MET A 740 26.15 -5.45 -30.49
C MET A 740 26.50 -4.03 -30.11
N ILE A 741 25.61 -3.08 -30.42
CA ILE A 741 25.81 -1.70 -29.99
C ILE A 741 25.37 -1.59 -28.54
N VAL A 742 26.32 -1.36 -27.65
CA VAL A 742 26.08 -1.45 -26.20
C VAL A 742 26.47 -0.13 -25.57
N LYS A 743 25.53 0.47 -24.84
CA LYS A 743 25.82 1.70 -24.10
C LYS A 743 26.55 1.35 -22.81
N THR A 744 27.54 2.16 -22.45
CA THR A 744 28.34 1.88 -21.27
C THR A 744 27.57 2.31 -20.03
N PRO A 745 27.31 1.40 -19.08
CA PRO A 745 26.53 1.76 -17.88
C PRO A 745 27.40 2.44 -16.85
N GLN A 746 26.86 3.50 -16.24
CA GLN A 746 27.57 4.19 -15.17
C GLN A 746 27.04 3.85 -13.80
N CYS A 747 25.86 3.22 -13.72
CA CYS A 747 25.24 2.90 -12.44
C CYS A 747 24.30 1.71 -12.60
N SER A 748 23.91 1.13 -11.47
CA SER A 748 22.93 0.06 -11.38
C SER A 748 23.40 -1.23 -12.05
N ILE A 749 22.48 -2.07 -12.50
CA ILE A 749 22.79 -3.45 -12.85
C ILE A 749 22.34 -3.83 -14.26
N ASN A 750 21.83 -2.87 -15.01
CA ASN A 750 21.28 -3.14 -16.33
C ASN A 750 22.21 -2.64 -17.42
N VAL A 751 22.16 -3.31 -18.57
CA VAL A 751 22.93 -2.94 -19.75
C VAL A 751 21.99 -2.88 -20.94
N PHE A 752 22.04 -1.77 -21.67
CA PHE A 752 21.20 -1.58 -22.86
C PHE A 752 22.01 -1.99 -24.09
N ALA A 753 21.49 -2.96 -24.85
CA ALA A 753 22.19 -3.49 -26.02
C ALA A 753 21.26 -3.47 -27.21
N GLN A 754 21.86 -3.47 -28.41
CA GLN A 754 21.06 -3.50 -29.62
C GLN A 754 21.75 -4.35 -30.68
N ILE A 755 21.00 -5.23 -31.32
CA ILE A 755 21.51 -6.02 -32.44
C ILE A 755 21.53 -5.14 -33.68
N PRO A 756 22.64 -5.08 -34.40
CA PRO A 756 22.74 -4.15 -35.55
C PRO A 756 21.68 -4.45 -36.60
N GLY A 757 21.07 -3.38 -37.12
CA GLY A 757 20.04 -3.49 -38.13
C GLY A 757 18.63 -3.68 -37.60
N SER A 758 18.45 -3.87 -36.30
CA SER A 758 17.14 -4.11 -35.73
C SER A 758 16.37 -2.81 -35.53
N GLU A 759 15.10 -2.83 -35.91
CA GLU A 759 14.25 -1.64 -35.86
C GLU A 759 13.06 -1.78 -34.94
N ASP A 760 12.85 -2.93 -34.31
CA ASP A 760 11.71 -3.17 -33.45
C ASP A 760 12.18 -3.95 -32.22
N SER A 761 11.99 -3.37 -31.04
CA SER A 761 12.52 -3.98 -29.82
C SER A 761 11.71 -5.19 -29.40
N TYR A 762 10.39 -5.13 -29.56
CA TYR A 762 9.55 -6.25 -29.15
C TYR A 762 9.67 -7.41 -30.12
N LEU A 763 9.83 -7.10 -31.41
CA LEU A 763 10.19 -8.11 -32.39
C LEU A 763 11.54 -8.74 -32.05
N SER A 764 12.51 -7.94 -31.61
CA SER A 764 13.79 -8.48 -31.19
C SER A 764 13.62 -9.41 -30.00
N PHE A 765 12.77 -9.04 -29.05
CA PHE A 765 12.49 -9.92 -27.92
C PHE A 765 11.94 -11.26 -28.40
N ARG A 766 10.95 -11.23 -29.29
CA ARG A 766 10.35 -12.46 -29.79
C ARG A 766 11.38 -13.31 -30.53
N ASN A 767 12.16 -12.68 -31.40
CA ASN A 767 13.16 -13.41 -32.18
C ASN A 767 14.21 -14.04 -31.29
N VAL A 768 14.74 -13.29 -30.32
CA VAL A 768 15.78 -13.83 -29.45
C VAL A 768 15.22 -14.95 -28.59
N LEU A 769 14.01 -14.77 -28.06
CA LEU A 769 13.42 -15.81 -27.21
C LEU A 769 13.20 -17.10 -27.99
N ARG A 770 12.73 -16.99 -29.24
CA ARG A 770 12.48 -18.20 -30.02
C ARG A 770 13.80 -18.83 -30.49
N GLU A 771 14.78 -18.00 -30.84
CA GLU A 771 15.99 -18.50 -31.47
C GLU A 771 16.96 -19.09 -30.45
N THR A 772 17.21 -18.38 -29.36
CA THR A 772 18.21 -18.79 -28.38
C THR A 772 17.63 -19.19 -27.04
N GLY A 773 16.34 -18.96 -26.81
CA GLY A 773 15.75 -19.31 -25.53
C GLY A 773 16.14 -18.40 -24.39
N VAL A 774 16.50 -17.15 -24.67
CA VAL A 774 16.89 -16.18 -23.66
C VAL A 774 15.92 -15.01 -23.73
N SER A 775 15.34 -14.64 -22.59
CA SER A 775 14.41 -13.53 -22.55
C SER A 775 15.15 -12.24 -22.20
N VAL A 776 14.93 -11.21 -23.00
CA VAL A 776 15.46 -9.88 -22.75
C VAL A 776 14.29 -8.92 -22.64
N TYR A 777 14.57 -7.71 -22.16
CA TYR A 777 13.53 -6.74 -21.85
C TYR A 777 13.47 -5.71 -22.96
N PRO A 778 12.45 -5.72 -23.82
CA PRO A 778 12.42 -4.79 -24.95
C PRO A 778 12.40 -3.34 -24.48
N GLY A 779 13.02 -2.48 -25.27
CA GLY A 779 13.13 -1.08 -24.92
C GLY A 779 11.82 -0.31 -25.02
N ILE A 780 10.84 -0.85 -25.74
CA ILE A 780 9.54 -0.20 -25.83
C ILE A 780 8.90 -0.11 -24.45
N LEU A 781 9.19 -1.07 -23.58
CA LEU A 781 8.69 -1.09 -22.21
C LEU A 781 9.43 -0.11 -21.31
N SER A 782 10.47 0.54 -21.81
CA SER A 782 11.13 1.63 -21.11
C SER A 782 10.81 2.98 -21.74
N PHE A 783 9.79 3.04 -22.59
CA PHE A 783 9.34 4.22 -23.32
C PHE A 783 10.30 4.63 -24.45
N TYR A 784 11.13 3.69 -24.93
CA TYR A 784 11.90 3.89 -26.16
C TYR A 784 11.00 3.47 -27.32
N LEU A 785 10.19 4.42 -27.81
CA LEU A 785 9.20 4.08 -28.82
C LEU A 785 9.81 3.77 -30.19
N ALA A 786 11.10 4.01 -30.38
CA ALA A 786 11.78 3.70 -31.62
C ALA A 786 13.06 2.94 -31.32
N GLY A 787 13.54 2.20 -32.32
CA GLY A 787 14.74 1.41 -32.17
C GLY A 787 14.45 -0.04 -31.81
N GLY A 788 15.51 -0.84 -31.77
CA GLY A 788 15.36 -2.24 -31.47
C GLY A 788 16.14 -2.71 -30.25
N GLY A 789 16.57 -1.77 -29.42
CA GLY A 789 17.38 -2.13 -28.27
C GLY A 789 16.58 -2.81 -27.18
N PHE A 790 17.28 -3.61 -26.38
CA PHE A 790 16.70 -4.29 -25.24
C PHE A 790 17.59 -4.13 -24.02
N ARG A 791 17.06 -4.48 -22.87
CA ARG A 791 17.75 -4.36 -21.59
C ARG A 791 18.11 -5.73 -21.08
N VAL A 792 19.34 -5.87 -20.60
CA VAL A 792 19.85 -7.13 -20.06
C VAL A 792 20.20 -6.90 -18.60
N THR A 793 19.66 -7.74 -17.73
CA THR A 793 19.93 -7.66 -16.30
C THR A 793 21.10 -8.57 -15.97
N THR A 794 22.17 -7.99 -15.43
CA THR A 794 23.41 -8.70 -15.18
C THR A 794 23.58 -9.12 -13.74
N ALA A 795 22.63 -8.81 -12.86
CA ALA A 795 22.73 -9.14 -11.44
C ALA A 795 22.08 -10.50 -11.16
N ARG A 796 22.52 -11.49 -11.91
CA ARG A 796 21.99 -12.85 -11.82
C ARG A 796 23.07 -13.79 -11.29
N LYS A 797 22.70 -15.05 -11.13
CA LYS A 797 23.70 -16.06 -10.82
C LYS A 797 24.68 -16.17 -11.97
N TRP A 798 25.94 -16.48 -11.64
CA TRP A 798 26.97 -16.52 -12.66
C TRP A 798 26.66 -17.58 -13.72
N GLY A 799 26.11 -18.73 -13.29
CA GLY A 799 25.77 -19.76 -14.25
C GLY A 799 24.72 -19.31 -15.25
N ASP A 800 23.65 -18.67 -14.75
CA ASP A 800 22.59 -18.23 -15.63
C ASP A 800 23.08 -17.16 -16.60
N LEU A 801 23.84 -16.19 -16.10
CA LEU A 801 24.34 -15.14 -16.97
C LEU A 801 25.32 -15.69 -18.00
N HIS A 802 26.19 -16.61 -17.59
CA HIS A 802 27.15 -17.19 -18.51
C HIS A 802 26.45 -17.98 -19.61
N ARG A 803 25.49 -18.82 -19.24
CA ARG A 803 24.78 -19.61 -20.25
C ARG A 803 23.96 -18.70 -21.18
N GLY A 804 23.32 -17.68 -20.63
CA GLY A 804 22.57 -16.75 -21.47
C GLY A 804 23.44 -15.99 -22.42
N LEU A 805 24.61 -15.55 -21.96
CA LEU A 805 25.53 -14.83 -22.84
C LEU A 805 26.09 -15.75 -23.92
N GLU A 806 26.40 -17.01 -23.58
CA GLU A 806 26.84 -17.96 -24.59
C GLU A 806 25.77 -18.18 -25.65
N ARG A 807 24.52 -18.39 -25.25
CA ARG A 807 23.46 -18.59 -26.22
C ARG A 807 23.23 -17.33 -27.05
N LEU A 808 23.34 -16.16 -26.43
CA LEU A 808 23.09 -14.91 -27.14
C LEU A 808 24.17 -14.63 -28.17
N SER A 809 25.44 -14.92 -27.83
CA SER A 809 26.53 -14.70 -28.77
C SER A 809 26.56 -15.77 -29.86
N ALA A 810 26.13 -16.99 -29.54
CA ALA A 810 26.08 -18.04 -30.56
C ALA A 810 25.12 -17.68 -31.68
N GLY A 811 23.97 -17.11 -31.34
CA GLY A 811 22.97 -16.75 -32.33
C GLY A 811 23.32 -15.49 -33.11
N PRO B 332 -31.96 2.66 22.99
CA PRO B 332 -31.83 2.84 21.54
C PRO B 332 -30.49 3.44 21.14
N ASP B 333 -30.28 3.63 19.83
CA ASP B 333 -29.09 4.26 19.31
C ASP B 333 -29.45 5.66 18.82
N THR B 334 -28.66 6.64 19.26
CA THR B 334 -28.83 8.03 18.85
C THR B 334 -27.71 8.40 17.88
N PHE B 335 -28.08 8.96 16.73
CA PHE B 335 -27.12 9.25 15.67
C PHE B 335 -26.98 10.73 15.38
N ILE B 336 -28.03 11.53 15.50
CA ILE B 336 -27.97 12.95 15.21
C ILE B 336 -29.16 13.64 15.87
N ASP B 337 -28.91 14.79 16.46
CA ASP B 337 -29.94 15.56 17.14
C ASP B 337 -29.67 17.04 16.90
N GLU B 338 -30.31 17.91 17.69
CA GLU B 338 -30.11 19.35 17.54
C GLU B 338 -28.73 19.78 18.02
N ARG B 339 -28.20 19.09 19.04
CA ARG B 339 -26.88 19.43 19.55
C ARG B 339 -25.81 19.28 18.47
N THR B 340 -26.02 18.36 17.53
CA THR B 340 -25.11 18.24 16.39
C THR B 340 -25.33 19.37 15.39
N LEU B 341 -26.59 19.72 15.13
CA LEU B 341 -26.89 20.80 14.18
C LEU B 341 -26.38 22.15 14.66
N GLU B 342 -26.19 22.33 15.96
CA GLU B 342 -25.73 23.62 16.46
C GLU B 342 -24.36 23.99 15.89
N VAL B 343 -23.43 23.04 15.89
CA VAL B 343 -22.09 23.30 15.40
C VAL B 343 -22.12 23.64 13.92
N PHE B 344 -22.90 22.89 13.14
CA PHE B 344 -22.99 23.15 11.72
C PHE B 344 -23.70 24.45 11.41
N SER B 345 -24.55 24.94 12.32
CA SER B 345 -25.22 26.23 12.10
C SER B 345 -24.42 27.41 12.60
N ARG B 346 -23.42 27.21 13.45
CA ARG B 346 -22.61 28.32 13.96
C ARG B 346 -21.32 28.54 13.19
N ALA B 347 -21.03 27.73 12.18
CA ALA B 347 -19.76 27.85 11.48
C ALA B 347 -19.83 28.90 10.38
N LEU B 348 -18.71 29.59 10.15
CA LEU B 348 -18.66 30.61 9.11
C LEU B 348 -18.88 30.00 7.73
N ASN B 349 -18.14 28.94 7.41
CA ASN B 349 -18.30 28.22 6.16
C ASN B 349 -18.54 26.76 6.49
N PRO B 350 -19.75 26.22 6.28
CA PRO B 350 -20.02 24.84 6.68
C PRO B 350 -19.16 23.81 5.97
N THR B 351 -18.70 24.10 4.75
CA THR B 351 -17.94 23.15 3.96
C THR B 351 -16.48 23.05 4.37
N ASN B 352 -16.09 23.68 5.47
CA ASN B 352 -14.71 23.63 5.94
C ASN B 352 -14.61 22.64 7.09
N PRO B 353 -13.97 21.47 6.89
CA PRO B 353 -13.86 20.51 7.99
C PRO B 353 -13.10 21.03 9.20
N MET B 354 -12.07 21.85 8.99
CA MET B 354 -11.24 22.31 10.09
C MET B 354 -11.99 23.28 10.99
N GLU B 355 -12.81 24.16 10.40
CA GLU B 355 -13.63 25.06 11.20
C GLU B 355 -14.63 24.27 12.05
N LEU B 356 -15.22 23.23 11.48
CA LEU B 356 -16.14 22.40 12.24
C LEU B 356 -15.44 21.67 13.38
N ARG B 357 -14.24 21.14 13.12
CA ARG B 357 -13.48 20.50 14.21
C ARG B 357 -13.16 21.50 15.31
N ASN B 358 -12.77 22.71 14.92
CA ASN B 358 -12.45 23.73 15.90
C ASN B 358 -13.67 24.10 16.73
N LEU B 359 -14.84 24.22 16.10
CA LEU B 359 -16.04 24.53 16.86
C LEU B 359 -16.44 23.40 17.81
N TRP B 360 -16.32 22.16 17.34
CA TRP B 360 -16.62 21.01 18.20
C TRP B 360 -15.71 20.99 19.42
N LEU B 361 -14.40 21.12 19.20
CA LEU B 361 -13.46 21.14 20.31
C LEU B 361 -13.67 22.35 21.20
N GLY B 362 -14.06 23.49 20.62
CA GLY B 362 -14.31 24.67 21.42
C GLY B 362 -15.50 24.49 22.35
N ARG B 363 -16.58 23.89 21.85
CA ARG B 363 -17.70 23.57 22.74
C ARG B 363 -17.24 22.64 23.85
N VAL B 364 -16.52 21.58 23.49
CA VAL B 364 -16.07 20.61 24.48
C VAL B 364 -15.27 21.30 25.58
N GLU B 365 -14.31 22.13 25.19
CA GLU B 365 -13.49 22.84 26.17
C GLU B 365 -14.23 24.01 26.81
N ALA B 366 -15.41 24.38 26.30
CA ALA B 366 -16.26 25.32 27.03
C ALA B 366 -16.93 24.65 28.21
N GLU B 367 -17.43 23.41 28.04
CA GLU B 367 -17.85 22.72 29.26
C GLU B 367 -16.69 22.15 30.08
N LEU B 368 -15.47 22.17 29.57
CA LEU B 368 -14.29 22.06 30.45
C LEU B 368 -13.85 23.46 30.87
N GLY B 369 -14.62 24.03 31.80
CA GLY B 369 -14.38 25.40 32.22
C GLY B 369 -13.00 25.63 32.78
N ASP B 370 -12.73 25.08 33.97
CA ASP B 370 -11.42 25.27 34.58
C ASP B 370 -10.36 24.38 33.96
N ASN B 371 -10.75 23.19 33.50
CA ASN B 371 -9.80 22.17 33.05
C ASN B 371 -9.58 22.21 31.54
N ALA B 372 -9.79 23.37 30.91
CA ALA B 372 -9.63 23.47 29.47
C ALA B 372 -8.17 23.29 29.07
N LEU B 373 -7.92 22.33 28.19
CA LEU B 373 -6.56 22.13 27.69
C LEU B 373 -6.15 23.25 26.73
N ARG B 374 -7.11 23.86 26.06
CA ARG B 374 -6.85 24.97 25.14
C ARG B 374 -7.97 25.99 25.27
N PRO B 375 -7.73 27.11 25.96
CA PRO B 375 -8.79 28.14 26.07
C PRO B 375 -9.05 28.88 24.77
N GLU B 376 -8.14 28.80 23.79
CA GLU B 376 -8.37 29.48 22.52
C GLU B 376 -9.60 28.93 21.81
N TYR B 377 -9.75 27.61 21.79
CA TYR B 377 -10.91 27.00 21.14
C TYR B 377 -12.20 27.33 21.89
N ALA B 378 -12.14 27.37 23.23
CA ALA B 378 -13.31 27.77 23.99
C ALA B 378 -13.72 29.21 23.66
N ASP B 379 -12.73 30.09 23.53
CA ASP B 379 -13.04 31.47 23.13
C ASP B 379 -13.61 31.53 21.72
N LEU B 380 -13.08 30.71 20.81
CA LEU B 380 -13.65 30.61 19.48
C LEU B 380 -15.11 30.19 19.51
N TRP B 381 -15.43 29.21 20.35
CA TRP B 381 -16.81 28.77 20.48
C TRP B 381 -17.70 29.84 21.09
N ARG B 382 -17.18 30.59 22.06
CA ARG B 382 -17.99 31.60 22.74
C ARG B 382 -18.39 32.73 21.79
N ARG B 383 -17.47 33.15 20.92
CA ARG B 383 -17.77 34.21 19.97
C ARG B 383 -18.65 33.75 18.82
N SER B 384 -18.88 32.45 18.67
CA SER B 384 -19.64 31.93 17.55
C SER B 384 -21.10 32.37 17.62
N ARG B 385 -21.71 32.53 16.44
CA ARG B 385 -23.09 32.93 16.34
C ARG B 385 -23.82 32.03 15.35
N VAL B 386 -25.10 31.76 15.62
CA VAL B 386 -25.93 31.04 14.68
C VAL B 386 -26.22 31.93 13.48
N ARG B 387 -26.02 31.40 12.28
CA ARG B 387 -26.20 32.19 11.08
C ARG B 387 -26.98 31.47 9.97
N ARG B 388 -27.41 30.23 10.20
CA ARG B 388 -28.14 29.48 9.19
C ARG B 388 -28.95 28.40 9.86
N ALA B 389 -29.85 27.80 9.10
CA ALA B 389 -30.63 26.64 9.53
C ALA B 389 -30.07 25.39 8.85
N VAL B 390 -29.73 24.38 9.64
CA VAL B 390 -29.17 23.15 9.14
C VAL B 390 -30.09 22.00 9.51
N SER B 391 -30.35 21.12 8.55
CA SER B 391 -31.22 19.96 8.74
C SER B 391 -30.39 18.70 8.92
N VAL B 392 -31.09 17.62 9.29
CA VAL B 392 -30.42 16.33 9.45
C VAL B 392 -29.96 15.80 8.10
N GLU B 393 -30.79 15.96 7.06
CA GLU B 393 -30.44 15.47 5.74
C GLU B 393 -29.21 16.18 5.19
N GLU B 394 -29.11 17.49 5.41
CA GLU B 394 -27.94 18.23 4.96
C GLU B 394 -26.68 17.74 5.64
N VAL B 395 -26.75 17.48 6.95
CA VAL B 395 -25.59 16.99 7.68
C VAL B 395 -25.18 15.60 7.19
N LEU B 396 -26.16 14.73 6.96
CA LEU B 396 -25.86 13.36 6.57
C LEU B 396 -25.43 13.24 5.11
N ARG B 397 -25.78 14.22 4.28
CA ARG B 397 -25.38 14.20 2.87
C ARG B 397 -24.14 15.05 2.60
N SER B 398 -23.53 15.63 3.62
CA SER B 398 -22.41 16.54 3.46
C SER B 398 -21.08 15.80 3.56
N THR B 399 -20.14 16.16 2.68
CA THR B 399 -18.77 15.65 2.80
C THR B 399 -18.00 16.34 3.91
N ALA B 400 -18.46 17.50 4.35
CA ALA B 400 -17.83 18.20 5.46
C ALA B 400 -18.03 17.45 6.77
N THR B 401 -19.14 16.71 6.91
CA THR B 401 -19.33 15.87 8.08
C THR B 401 -18.26 14.79 8.16
N VAL B 402 -18.00 14.13 7.03
CA VAL B 402 -16.96 13.11 6.98
C VAL B 402 -15.60 13.73 7.25
N GLY B 403 -15.35 14.89 6.66
CA GLY B 403 -14.08 15.57 6.91
C GLY B 403 -13.90 15.97 8.36
N MET B 404 -14.96 16.46 9.00
CA MET B 404 -14.88 16.89 10.40
C MET B 404 -14.66 15.69 11.32
N VAL B 405 -15.34 14.57 11.07
CA VAL B 405 -15.09 13.39 11.89
C VAL B 405 -13.67 12.87 11.66
N LYS B 406 -13.17 12.96 10.43
CA LYS B 406 -11.79 12.56 10.17
C LYS B 406 -10.81 13.47 10.89
N GLU B 407 -11.11 14.77 10.96
CA GLU B 407 -10.24 15.70 11.67
C GLU B 407 -10.26 15.46 13.18
N LEU B 408 -11.44 15.17 13.75
CA LEU B 408 -11.49 14.81 15.17
C LEU B 408 -10.74 13.52 15.42
N PHE B 409 -10.85 12.56 14.50
CA PHE B 409 -10.10 11.31 14.60
C PHE B 409 -8.60 11.58 14.59
N ASN B 410 -8.14 12.45 13.70
CA ASN B 410 -6.72 12.79 13.63
C ASN B 410 -6.27 13.49 14.90
N ALA B 411 -7.07 14.44 15.40
CA ALA B 411 -6.70 15.18 16.60
C ALA B 411 -6.59 14.25 17.81
N PHE B 412 -7.53 13.31 17.95
CA PHE B 412 -7.56 12.40 19.08
C PHE B 412 -6.23 11.68 19.26
N PHE B 413 -5.65 11.21 18.16
CA PHE B 413 -4.37 10.49 18.23
C PHE B 413 -3.17 11.41 18.17
N ARG B 414 -3.29 12.56 17.51
CA ARG B 414 -2.11 13.38 17.23
C ARG B 414 -1.81 14.34 18.36
N ASP B 415 -2.80 15.14 18.78
CA ASP B 415 -2.53 16.22 19.72
C ASP B 415 -3.44 16.15 20.94
N ASP B 416 -4.10 15.01 21.18
CA ASP B 416 -4.98 14.89 22.33
C ASP B 416 -4.55 13.79 23.28
N LEU B 417 -4.40 12.55 22.82
CA LEU B 417 -4.08 11.44 23.69
C LEU B 417 -2.62 11.03 23.66
N TYR B 418 -2.01 11.01 22.47
CA TYR B 418 -0.58 10.78 22.33
C TYR B 418 0.18 12.08 22.12
N GLY B 419 -0.46 13.22 22.32
CA GLY B 419 0.19 14.52 22.26
C GLY B 419 0.22 15.22 23.60
N ALA B 420 -0.68 16.19 23.78
CA ALA B 420 -0.67 17.01 24.99
C ALA B 420 -0.93 16.18 26.24
N LEU B 421 -1.87 15.25 26.18
CA LEU B 421 -2.28 14.48 27.36
C LEU B 421 -1.60 13.14 27.44
N SER B 422 -0.48 12.97 26.74
CA SER B 422 0.25 11.71 26.80
C SER B 422 0.84 11.48 28.18
N SER B 423 0.77 10.24 28.64
CA SER B 423 1.28 9.90 29.96
C SER B 423 1.58 8.41 30.00
N LYS B 424 2.48 8.03 30.92
CA LYS B 424 2.80 6.63 31.13
C LYS B 424 1.92 5.98 32.21
N ARG B 425 1.11 6.75 32.91
CA ARG B 425 0.14 6.21 33.85
C ARG B 425 -1.24 6.02 33.26
N ASN B 426 -1.51 6.60 32.09
CA ASN B 426 -2.78 6.40 31.41
C ASN B 426 -2.93 4.94 31.00
N ILE B 427 -4.10 4.38 31.25
CA ILE B 427 -4.42 3.02 30.86
C ILE B 427 -5.22 3.08 29.57
N ILE B 428 -4.66 2.53 28.50
CA ILE B 428 -5.23 2.69 27.17
C ILE B 428 -6.26 1.59 26.94
N LEU B 429 -7.53 1.97 26.88
CA LEU B 429 -8.62 1.07 26.60
C LEU B 429 -9.41 1.53 25.38
N SER B 430 -8.74 2.25 24.47
CA SER B 430 -9.40 2.84 23.32
C SER B 430 -8.76 2.44 21.99
N SER B 431 -7.78 1.54 22.00
CA SER B 431 -7.10 1.19 20.75
C SER B 431 -8.03 0.49 19.78
N GLY B 432 -8.87 -0.41 20.26
CA GLY B 432 -9.66 -1.23 19.38
C GLY B 432 -8.94 -2.42 18.81
N ALA B 433 -7.77 -2.74 19.33
CA ALA B 433 -6.92 -3.79 18.80
C ALA B 433 -6.59 -4.77 19.92
N VAL B 434 -6.38 -6.03 19.54
CA VAL B 434 -5.95 -7.04 20.49
C VAL B 434 -4.52 -6.75 20.93
N ASP B 435 -4.26 -6.91 22.23
CA ASP B 435 -2.92 -6.74 22.76
C ASP B 435 -1.99 -7.79 22.16
N GLU B 436 -1.12 -7.38 21.25
CA GLU B 436 -0.28 -8.32 20.50
C GLU B 436 0.79 -8.97 21.37
N ASP B 437 1.03 -8.47 22.58
CA ASP B 437 1.97 -9.13 23.47
C ASP B 437 1.35 -10.36 24.11
N GLU B 438 0.16 -10.22 24.69
CA GLU B 438 -0.49 -11.36 25.33
C GLU B 438 -1.07 -12.31 24.30
N TYR B 439 -1.72 -11.78 23.26
CA TYR B 439 -2.40 -12.60 22.25
C TYR B 439 -2.01 -12.14 20.87
N GLY B 440 -0.84 -12.59 20.40
CA GLY B 440 -0.34 -12.20 19.11
C GLY B 440 -0.47 -13.29 18.07
N LEU B 441 0.45 -13.29 17.11
CA LEU B 441 0.43 -14.30 16.06
C LEU B 441 0.80 -15.67 16.64
N PRO B 442 0.09 -16.72 16.26
CA PRO B 442 0.45 -18.06 16.74
C PRO B 442 1.80 -18.50 16.21
N ALA B 443 2.37 -19.50 16.88
CA ALA B 443 3.73 -19.93 16.59
C ALA B 443 3.88 -20.48 15.17
N ALA B 444 2.85 -21.13 14.64
CA ALA B 444 2.94 -21.69 13.30
C ALA B 444 3.12 -20.61 12.24
N LEU B 445 2.38 -19.51 12.36
CA LEU B 445 2.49 -18.45 11.38
C LEU B 445 3.80 -17.68 11.53
N LYS B 446 4.28 -17.52 12.77
CA LYS B 446 5.61 -16.94 12.97
C LYS B 446 6.68 -17.82 12.34
N GLU B 447 6.53 -19.13 12.47
CA GLU B 447 7.48 -20.05 11.85
C GLU B 447 7.43 -19.96 10.33
N THR B 448 6.25 -19.80 9.75
CA THR B 448 6.17 -19.63 8.30
C THR B 448 6.85 -18.34 7.87
N LEU B 449 6.69 -17.26 8.64
CA LEU B 449 7.38 -16.01 8.31
C LEU B 449 8.89 -16.19 8.38
N ARG B 450 9.37 -16.88 9.42
CA ARG B 450 10.80 -17.15 9.55
C ARG B 450 11.31 -17.99 8.38
N PHE B 451 10.54 -18.99 7.97
CA PHE B 451 10.91 -19.83 6.83
C PHE B 451 10.97 -19.03 5.54
N ALA B 452 9.99 -18.15 5.32
CA ALA B 452 10.01 -17.32 4.13
C ALA B 452 11.21 -16.39 4.13
N LEU B 453 11.60 -15.91 5.31
CA LEU B 453 12.81 -15.10 5.42
C LEU B 453 14.05 -15.93 5.07
N ALA B 454 14.11 -17.17 5.53
CA ALA B 454 15.28 -18.00 5.28
C ALA B 454 15.39 -18.43 3.82
N ARG B 455 14.27 -18.47 3.11
CA ARG B 455 14.25 -18.91 1.72
C ARG B 455 14.37 -17.76 0.73
N ASN B 456 14.59 -16.53 1.21
CA ASN B 456 14.67 -15.35 0.37
C ASN B 456 13.39 -15.16 -0.44
N PHE B 457 12.25 -15.47 0.17
CA PHE B 457 10.97 -15.33 -0.48
C PHE B 457 10.48 -13.89 -0.44
N TYR B 458 11.29 -12.98 -0.94
CA TYR B 458 10.94 -11.57 -1.04
C TYR B 458 11.30 -10.99 -2.41
N GLY B 459 11.13 -11.76 -3.47
CA GLY B 459 11.24 -11.25 -4.81
C GLY B 459 9.96 -10.60 -5.26
N TYR B 460 9.92 -10.22 -6.54
CA TYR B 460 8.72 -9.61 -7.09
C TYR B 460 7.60 -10.64 -7.20
N SER B 461 6.38 -10.20 -6.91
CA SER B 461 5.21 -11.05 -6.96
C SER B 461 4.15 -10.43 -7.86
N ASP B 462 3.15 -11.25 -8.19
CA ASP B 462 2.08 -10.81 -9.08
C ASP B 462 1.23 -9.74 -8.40
N SER B 463 0.50 -8.99 -9.23
CA SER B 463 -0.31 -7.88 -8.72
C SER B 463 -1.43 -8.36 -7.80
N LEU B 464 -1.94 -9.56 -8.02
CA LEU B 464 -3.02 -10.10 -7.20
C LEU B 464 -2.57 -11.19 -6.24
N GLY B 465 -1.31 -11.57 -6.26
CA GLY B 465 -0.79 -12.60 -5.38
C GLY B 465 -0.37 -13.84 -6.14
N ARG B 466 0.28 -14.74 -5.38
CA ARG B 466 0.73 -16.01 -5.91
C ARG B 466 -0.41 -17.04 -5.85
N GLN B 467 -0.37 -17.98 -6.80
CA GLN B 467 -1.47 -18.92 -7.03
C GLN B 467 -1.76 -19.86 -5.86
N PRO B 468 -0.77 -20.50 -5.23
CA PRO B 468 -1.12 -21.39 -4.10
C PRO B 468 -1.87 -20.68 -2.98
N ALA B 469 -1.47 -19.45 -2.65
CA ALA B 469 -2.15 -18.71 -1.59
C ALA B 469 -3.59 -18.40 -1.96
N ARG B 470 -3.82 -17.99 -3.21
CA ARG B 470 -5.17 -17.71 -3.67
C ARG B 470 -6.02 -18.97 -3.69
N GLU B 471 -5.45 -20.11 -4.09
CA GLU B 471 -6.18 -21.37 -4.09
C GLU B 471 -6.57 -21.79 -2.67
N ALA B 472 -5.63 -21.67 -1.73
CA ALA B 472 -5.94 -22.00 -0.34
C ALA B 472 -7.01 -21.08 0.23
N VAL B 473 -6.92 -19.78 -0.07
CA VAL B 473 -7.92 -18.84 0.42
C VAL B 473 -9.29 -19.15 -0.18
N ALA B 474 -9.32 -19.51 -1.46
CA ALA B 474 -10.59 -19.85 -2.10
C ALA B 474 -11.22 -21.07 -1.45
N ALA B 475 -10.42 -22.11 -1.17
CA ALA B 475 -10.96 -23.29 -0.51
C ALA B 475 -11.48 -22.96 0.88
N MET B 476 -10.73 -22.15 1.64
CA MET B 476 -11.14 -21.81 3.00
C MET B 476 -12.43 -20.99 2.99
N GLU B 477 -12.59 -20.08 2.03
CA GLU B 477 -13.82 -19.33 1.95
C GLU B 477 -14.98 -20.20 1.49
N SER B 478 -14.72 -21.17 0.61
CA SER B 478 -15.79 -22.02 0.10
C SER B 478 -16.32 -22.95 1.17
N VAL B 479 -15.46 -23.42 2.07
CA VAL B 479 -15.89 -24.42 3.04
C VAL B 479 -16.94 -23.86 4.01
N SER B 480 -17.07 -22.54 4.11
CA SER B 480 -17.94 -21.91 5.10
C SER B 480 -19.29 -21.48 4.54
N MET B 481 -19.56 -21.72 3.25
CA MET B 481 -20.81 -21.30 2.65
C MET B 481 -21.85 -22.42 2.73
N GLN B 482 -23.12 -22.02 2.85
CA GLN B 482 -24.20 -23.00 2.79
C GLN B 482 -24.23 -23.70 1.44
N GLN B 483 -24.11 -22.93 0.36
CA GLN B 483 -24.02 -23.47 -0.98
C GLN B 483 -23.15 -22.54 -1.81
N GLY B 484 -22.54 -23.09 -2.85
CA GLY B 484 -21.64 -22.33 -3.69
C GLY B 484 -20.19 -22.67 -3.45
N HIS B 485 -19.34 -22.07 -4.29
CA HIS B 485 -17.93 -22.44 -4.32
C HIS B 485 -17.13 -21.28 -4.87
N TYR B 486 -15.92 -21.11 -4.33
CA TYR B 486 -15.01 -20.06 -4.76
C TYR B 486 -13.80 -20.69 -5.43
N GLU B 487 -13.39 -20.11 -6.55
CA GLU B 487 -12.15 -20.49 -7.23
C GLU B 487 -11.08 -19.44 -6.95
N ALA B 488 -9.83 -19.81 -7.24
CA ALA B 488 -8.72 -18.88 -7.00
C ALA B 488 -8.82 -17.62 -7.83
N ALA B 489 -9.58 -17.64 -8.93
CA ALA B 489 -9.73 -16.46 -9.77
C ALA B 489 -10.57 -15.37 -9.11
N SER B 490 -11.27 -15.68 -8.02
CA SER B 490 -12.12 -14.73 -7.34
C SER B 490 -11.46 -14.14 -6.09
N VAL B 491 -10.17 -14.37 -5.90
CA VAL B 491 -9.44 -13.94 -4.71
C VAL B 491 -8.40 -12.91 -5.12
N ALA B 492 -8.35 -11.79 -4.41
CA ALA B 492 -7.28 -10.80 -4.60
C ALA B 492 -6.62 -10.53 -3.25
N LEU B 493 -5.30 -10.73 -3.19
CA LEU B 493 -4.53 -10.48 -1.98
C LEU B 493 -4.10 -9.02 -1.94
N THR B 494 -4.31 -8.38 -0.80
CA THR B 494 -4.12 -6.94 -0.64
C THR B 494 -3.37 -6.67 0.66
N MET B 495 -3.05 -5.39 0.89
CA MET B 495 -2.31 -4.97 2.09
C MET B 495 -3.26 -4.33 3.10
N GLY B 496 -4.18 -5.14 3.61
CA GLY B 496 -5.05 -4.71 4.69
C GLY B 496 -6.35 -4.09 4.20
N ALA B 497 -7.27 -3.90 5.14
CA ALA B 497 -8.62 -3.45 4.80
C ALA B 497 -8.65 -1.98 4.43
N THR B 498 -7.94 -1.13 5.18
CA THR B 498 -7.97 0.30 4.86
C THR B 498 -7.48 0.55 3.44
N HIS B 499 -6.33 -0.03 3.10
CA HIS B 499 -5.81 0.08 1.74
C HIS B 499 -6.74 -0.57 0.74
N THR B 500 -7.42 -1.65 1.11
CA THR B 500 -8.32 -2.33 0.18
C THR B 500 -9.52 -1.46 -0.18
N ILE B 501 -10.21 -0.90 0.80
CA ILE B 501 -11.34 -0.03 0.48
C ILE B 501 -10.88 1.24 -0.21
N SER B 502 -9.72 1.79 0.15
CA SER B 502 -9.22 2.96 -0.56
C SER B 502 -8.97 2.65 -2.04
N SER B 503 -8.27 1.54 -2.30
CA SER B 503 -7.98 1.13 -3.67
C SER B 503 -9.25 0.80 -4.43
N LEU B 504 -10.19 0.12 -3.78
CA LEU B 504 -11.45 -0.24 -4.45
C LEU B 504 -12.24 1.00 -4.81
N ALA B 505 -12.30 1.99 -3.91
CA ALA B 505 -13.01 3.23 -4.24
C ALA B 505 -12.36 3.93 -5.43
N ASP B 506 -11.02 4.02 -5.41
CA ASP B 506 -10.32 4.67 -6.52
C ASP B 506 -10.55 3.91 -7.83
N PHE B 507 -10.52 2.58 -7.79
CA PHE B 507 -10.64 1.76 -8.97
C PHE B 507 -12.08 1.76 -9.50
N ILE B 508 -13.05 1.81 -8.60
CA ILE B 508 -14.46 1.77 -8.99
C ILE B 508 -14.90 3.11 -9.58
N PHE B 509 -14.42 4.23 -9.01
CA PHE B 509 -14.97 5.53 -9.39
C PHE B 509 -14.17 6.21 -10.49
N ARG B 510 -13.53 5.45 -11.38
CA ARG B 510 -12.90 6.04 -12.55
C ARG B 510 -13.91 6.29 -13.66
N ASP B 511 -14.48 5.22 -14.20
CA ASP B 511 -15.51 5.30 -15.23
C ASP B 511 -16.78 4.73 -14.61
N ASN B 512 -17.55 5.61 -13.96
CA ASN B 512 -18.76 5.21 -13.23
C ASN B 512 -19.92 6.03 -13.77
N PRO B 513 -20.79 5.43 -14.59
CA PRO B 513 -21.91 6.20 -15.16
C PRO B 513 -22.88 6.72 -14.13
N TYR B 514 -22.96 6.10 -12.96
CA TYR B 514 -23.98 6.44 -11.98
C TYR B 514 -23.53 7.61 -11.11
N ALA B 515 -24.42 8.60 -10.97
CA ALA B 515 -24.09 9.86 -10.31
C ALA B 515 -24.68 9.97 -8.91
N ASP B 516 -25.45 8.99 -8.46
CA ASP B 516 -25.96 9.07 -7.09
C ASP B 516 -24.84 8.81 -6.09
N ALA B 517 -25.11 9.17 -4.84
CA ALA B 517 -24.08 9.11 -3.82
C ALA B 517 -23.78 7.68 -3.40
N ALA B 518 -22.52 7.38 -3.16
CA ALA B 518 -22.14 6.14 -2.51
C ALA B 518 -22.69 6.14 -1.08
N ILE B 519 -23.26 5.01 -0.67
CA ILE B 519 -23.93 4.90 0.61
C ILE B 519 -22.97 4.27 1.61
N CYS B 520 -22.74 4.95 2.72
CA CYS B 520 -21.95 4.42 3.82
C CYS B 520 -22.86 4.21 5.01
N ALA B 521 -22.91 2.98 5.51
CA ALA B 521 -23.66 2.68 6.71
C ALA B 521 -22.86 3.08 7.93
N ILE B 522 -23.50 3.81 8.84
CA ILE B 522 -22.86 4.23 10.08
C ILE B 522 -23.52 3.48 11.24
N PRO B 523 -22.79 3.14 12.30
CA PRO B 523 -21.39 3.47 12.61
C PRO B 523 -20.37 2.80 11.70
N ASN B 524 -19.25 3.48 11.44
CA ASN B 524 -18.25 2.99 10.52
C ASN B 524 -16.88 3.50 10.96
N TYR B 525 -15.86 3.16 10.16
CA TYR B 525 -14.49 3.57 10.41
C TYR B 525 -14.19 4.83 9.61
N PRO B 526 -13.77 5.92 10.24
CA PRO B 526 -13.64 7.21 9.53
C PRO B 526 -12.65 7.15 8.36
N PRO B 527 -11.52 6.43 8.46
CA PRO B 527 -10.65 6.34 7.28
C PRO B 527 -11.33 5.77 6.05
N LEU B 528 -12.16 4.74 6.20
CA LEU B 528 -12.84 4.15 5.05
C LEU B 528 -13.81 5.12 4.42
N VAL B 529 -14.60 5.80 5.26
CA VAL B 529 -15.59 6.74 4.75
C VAL B 529 -14.90 7.92 4.08
N GLN B 530 -13.79 8.38 4.64
CA GLN B 530 -13.06 9.48 4.02
C GLN B 530 -12.43 9.06 2.69
N SER B 531 -11.88 7.84 2.62
CA SER B 531 -11.31 7.38 1.37
C SER B 531 -12.37 7.25 0.28
N ILE B 532 -13.58 6.84 0.66
CA ILE B 532 -14.66 6.78 -0.32
C ILE B 532 -15.09 8.18 -0.72
N ALA B 533 -15.23 9.10 0.25
CA ALA B 533 -15.67 10.46 -0.05
C ALA B 533 -14.64 11.24 -0.85
N TRP B 534 -13.38 10.77 -0.87
CA TRP B 534 -12.39 11.37 -1.74
C TRP B 534 -12.81 11.30 -3.20
N ARG B 535 -13.48 10.22 -3.60
CA ARG B 535 -13.79 9.95 -4.99
C ARG B 535 -15.20 10.31 -5.40
N HIS B 536 -16.17 10.18 -4.51
CA HIS B 536 -17.57 10.37 -4.85
C HIS B 536 -18.33 10.94 -3.66
N PRO B 537 -19.40 11.71 -3.90
CA PRO B 537 -20.24 12.16 -2.78
C PRO B 537 -20.83 10.98 -2.03
N VAL B 538 -20.95 11.15 -0.72
CA VAL B 538 -21.33 10.08 0.19
C VAL B 538 -22.61 10.46 0.92
N LEU B 539 -23.51 9.49 1.02
CA LEU B 539 -24.68 9.59 1.89
C LEU B 539 -24.49 8.65 3.08
N LEU B 540 -24.60 9.19 4.28
CA LEU B 540 -24.45 8.42 5.51
C LEU B 540 -25.81 7.92 5.96
N VAL B 541 -25.95 6.61 6.14
CA VAL B 541 -27.21 6.00 6.52
C VAL B 541 -27.03 5.29 7.85
N PRO B 542 -27.74 5.68 8.90
CA PRO B 542 -27.65 4.94 10.17
C PRO B 542 -28.14 3.52 10.03
N THR B 543 -27.50 2.62 10.77
CA THR B 543 -27.82 1.20 10.75
C THR B 543 -28.00 0.77 12.20
N PRO B 544 -29.14 1.10 12.80
CA PRO B 544 -29.28 0.96 14.26
C PRO B 544 -29.30 -0.49 14.71
N SER B 545 -28.92 -0.68 15.97
CA SER B 545 -28.83 -1.99 16.59
C SER B 545 -29.87 -2.11 17.71
N HIS B 546 -30.35 -3.33 17.93
CA HIS B 546 -31.30 -3.61 18.99
C HIS B 546 -31.07 -5.04 19.46
N GLY B 547 -30.53 -5.20 20.66
CA GLY B 547 -30.27 -6.51 21.21
C GLY B 547 -29.22 -7.31 20.48
N GLY B 548 -28.14 -6.64 20.05
CA GLY B 548 -27.09 -7.33 19.32
C GLY B 548 -27.40 -7.67 17.89
N THR B 549 -28.49 -7.14 17.34
CA THR B 549 -28.90 -7.40 15.96
C THR B 549 -28.91 -6.10 15.20
N THR B 550 -28.18 -6.05 14.09
CA THR B 550 -28.07 -4.85 13.30
C THR B 550 -29.21 -4.79 12.28
N SER B 551 -29.88 -3.64 12.20
CA SER B 551 -31.07 -3.48 11.38
C SER B 551 -30.72 -2.80 10.07
N LEU B 552 -30.98 -3.47 8.95
CA LEU B 552 -30.80 -2.92 7.62
C LEU B 552 -32.09 -2.36 7.05
N GLN B 553 -33.01 -1.95 7.91
CA GLN B 553 -34.34 -1.51 7.45
C GLN B 553 -34.26 -0.19 6.70
N ALA B 554 -33.56 0.79 7.26
CA ALA B 554 -33.42 2.08 6.58
C ALA B 554 -32.41 2.02 5.44
N LEU B 555 -31.40 1.15 5.56
CA LEU B 555 -30.41 1.01 4.49
C LEU B 555 -31.06 0.51 3.21
N SER B 556 -31.98 -0.44 3.32
CA SER B 556 -32.65 -0.96 2.13
C SER B 556 -33.45 0.14 1.44
N ARG B 557 -34.13 0.99 2.20
CA ARG B 557 -34.87 2.10 1.62
C ARG B 557 -33.92 3.11 0.99
N ALA B 558 -32.76 3.33 1.59
CA ALA B 558 -31.81 4.31 1.06
C ALA B 558 -31.27 3.92 -0.30
N VAL B 559 -30.97 2.62 -0.49
CA VAL B 559 -30.33 2.17 -1.72
C VAL B 559 -31.25 2.38 -2.91
N THR B 560 -30.67 2.83 -4.03
CA THR B 560 -31.29 3.22 -5.27
C THR B 560 -30.71 2.38 -6.40
N PRO B 561 -31.48 2.11 -7.47
CA PRO B 561 -30.91 1.38 -8.61
C PRO B 561 -29.71 2.07 -9.25
N ASN B 562 -29.51 3.37 -9.01
CA ASN B 562 -28.36 4.09 -9.53
C ASN B 562 -27.28 4.32 -8.47
N THR B 563 -27.37 3.64 -7.33
CA THR B 563 -26.31 3.75 -6.34
C THR B 563 -25.03 3.10 -6.88
N PRO B 564 -23.90 3.80 -6.87
CA PRO B 564 -22.66 3.20 -7.37
C PRO B 564 -22.14 2.07 -6.49
N MET B 565 -22.06 2.32 -5.19
CA MET B 565 -21.54 1.33 -4.27
C MET B 565 -22.10 1.58 -2.87
N VAL B 566 -22.08 0.51 -2.07
CA VAL B 566 -22.57 0.54 -0.70
C VAL B 566 -21.54 -0.13 0.19
N LEU B 567 -21.02 0.60 1.17
CA LEU B 567 -20.08 0.05 2.14
C LEU B 567 -20.84 -0.35 3.40
N LEU B 568 -20.83 -1.63 3.73
CA LEU B 568 -21.59 -2.13 4.86
C LEU B 568 -20.73 -3.04 5.71
N GLN B 569 -20.85 -2.90 7.03
CA GLN B 569 -20.07 -3.68 7.99
C GLN B 569 -20.95 -4.77 8.58
N THR B 570 -20.57 -6.04 8.35
CA THR B 570 -21.40 -7.14 8.82
C THR B 570 -21.29 -7.34 10.32
N GLY B 571 -20.09 -7.23 10.88
CA GLY B 571 -19.91 -7.19 12.32
C GLY B 571 -19.64 -5.77 12.75
N THR B 572 -20.58 -5.16 13.48
CA THR B 572 -20.58 -3.73 13.68
C THR B 572 -19.63 -3.31 14.80
N ASN B 573 -18.89 -2.26 14.55
CA ASN B 573 -18.06 -1.50 15.46
C ASN B 573 -18.74 -0.16 15.71
N PRO B 574 -18.76 0.34 16.96
CA PRO B 574 -18.15 -0.15 18.20
C PRO B 574 -19.03 -1.03 19.08
N CYS B 575 -20.31 -1.15 18.73
CA CYS B 575 -21.26 -1.79 19.64
C CYS B 575 -21.11 -3.31 19.65
N GLY B 576 -20.63 -3.91 18.58
CA GLY B 576 -20.53 -5.35 18.52
C GLY B 576 -21.78 -6.06 18.06
N SER B 577 -22.70 -5.37 17.40
CA SER B 577 -23.88 -6.02 16.88
C SER B 577 -23.60 -6.69 15.55
N LEU B 578 -24.44 -7.66 15.20
CA LEU B 578 -24.22 -8.51 14.05
C LEU B 578 -25.48 -8.54 13.18
N VAL B 579 -25.30 -8.40 11.87
CA VAL B 579 -26.44 -8.47 10.96
C VAL B 579 -27.00 -9.88 10.93
N ASP B 580 -28.29 -9.99 10.67
CA ASP B 580 -28.92 -11.30 10.50
C ASP B 580 -28.67 -11.79 9.08
N GLU B 581 -28.35 -13.09 8.98
CA GLU B 581 -27.99 -13.65 7.69
C GLU B 581 -29.14 -13.59 6.70
N LEU B 582 -30.37 -13.86 7.17
CA LEU B 582 -31.52 -13.76 6.29
C LEU B 582 -31.78 -12.33 5.85
N GLU B 583 -31.65 -11.36 6.77
CA GLU B 583 -31.84 -9.96 6.41
C GLU B 583 -30.77 -9.49 5.44
N LEU B 584 -29.52 -9.89 5.67
CA LEU B 584 -28.45 -9.53 4.74
C LEU B 584 -28.70 -10.15 3.38
N GLU B 585 -29.15 -11.40 3.34
CA GLU B 585 -29.47 -12.05 2.08
C GLU B 585 -30.57 -11.31 1.33
N ARG B 586 -31.63 -10.92 2.03
CA ARG B 586 -32.72 -10.21 1.39
C ARG B 586 -32.27 -8.85 0.85
N PHE B 587 -31.48 -8.12 1.65
CA PHE B 587 -30.98 -6.83 1.21
C PHE B 587 -30.08 -6.96 -0.02
N ILE B 588 -29.21 -7.98 -0.03
CA ILE B 588 -28.34 -8.19 -1.17
C ILE B 588 -29.15 -8.53 -2.42
N GLN B 589 -30.15 -9.42 -2.27
CA GLN B 589 -31.00 -9.78 -3.40
C GLN B 589 -31.84 -8.62 -3.89
N SER B 590 -32.13 -7.63 -3.05
CA SER B 590 -32.95 -6.50 -3.45
C SER B 590 -32.16 -5.37 -4.12
N THR B 591 -30.95 -5.66 -4.62
CA THR B 591 -30.08 -4.65 -5.18
C THR B 591 -29.79 -4.92 -6.65
N SER B 592 -29.63 -3.85 -7.41
CA SER B 592 -29.27 -3.97 -8.82
C SER B 592 -27.83 -4.44 -8.97
N LEU B 593 -27.56 -5.16 -10.06
CA LEU B 593 -26.21 -5.62 -10.36
C LEU B 593 -25.26 -4.48 -10.65
N SER B 594 -25.77 -3.28 -10.90
CA SER B 594 -24.94 -2.10 -11.08
C SER B 594 -24.45 -1.52 -9.76
N THR B 595 -25.00 -1.93 -8.64
CA THR B 595 -24.61 -1.44 -7.33
C THR B 595 -23.63 -2.43 -6.71
N LEU B 596 -22.36 -2.05 -6.64
CA LEU B 596 -21.39 -2.87 -5.93
C LEU B 596 -21.61 -2.76 -4.44
N ILE B 597 -21.44 -3.88 -3.74
CA ILE B 597 -21.63 -3.94 -2.29
C ILE B 597 -20.33 -4.44 -1.68
N ILE B 598 -19.70 -3.60 -0.87
CA ILE B 598 -18.48 -3.96 -0.17
C ILE B 598 -18.85 -4.35 1.26
N LEU B 599 -18.71 -5.64 1.55
CA LEU B 599 -18.96 -6.18 2.88
C LEU B 599 -17.65 -6.18 3.65
N ASP B 600 -17.56 -5.30 4.65
CA ASP B 600 -16.41 -5.26 5.55
C ASP B 600 -16.65 -6.27 6.67
N GLU B 601 -15.87 -7.36 6.66
CA GLU B 601 -16.07 -8.47 7.59
C GLU B 601 -14.91 -8.61 8.56
N CYS B 602 -14.26 -7.50 8.92
CA CYS B 602 -13.12 -7.59 9.82
C CYS B 602 -13.50 -7.85 11.27
N HIS B 603 -14.76 -7.62 11.63
CA HIS B 603 -15.20 -7.80 13.01
C HIS B 603 -16.12 -9.00 13.19
N GLU B 604 -16.28 -9.83 12.16
CA GLU B 604 -17.18 -10.98 12.23
C GLU B 604 -16.43 -12.20 12.79
N TRP B 605 -16.14 -12.14 14.07
CA TRP B 605 -15.47 -13.22 14.76
C TRP B 605 -15.77 -13.11 16.25
N LEU B 606 -15.33 -14.12 17.00
CA LEU B 606 -15.55 -14.19 18.44
C LEU B 606 -17.04 -14.15 18.79
N GLY B 607 -17.75 -15.17 18.35
CA GLY B 607 -19.17 -15.31 18.59
C GLY B 607 -20.04 -15.20 17.35
N ALA B 608 -19.51 -14.68 16.26
CA ALA B 608 -20.30 -14.56 15.04
C ALA B 608 -20.45 -15.93 14.37
N PRO B 609 -21.67 -16.36 14.06
CA PRO B 609 -21.83 -17.56 13.25
C PRO B 609 -21.43 -17.27 11.80
N ARG B 610 -20.68 -18.18 11.21
CA ARG B 610 -20.07 -17.95 9.91
C ARG B 610 -20.61 -18.91 8.86
N HIS B 611 -21.92 -19.10 8.84
CA HIS B 611 -22.62 -19.87 7.81
C HIS B 611 -23.22 -18.85 6.85
N PHE B 612 -22.58 -18.65 5.70
CA PHE B 612 -22.90 -17.55 4.82
C PHE B 612 -23.89 -17.99 3.74
N SER B 613 -24.87 -17.15 3.48
CA SER B 613 -25.85 -17.44 2.45
C SER B 613 -25.20 -17.33 1.07
N PRO B 614 -25.73 -18.04 0.07
CA PRO B 614 -25.20 -17.90 -1.29
C PRO B 614 -25.38 -16.51 -1.87
N ALA B 615 -26.31 -15.71 -1.34
CA ALA B 615 -26.47 -14.34 -1.81
C ALA B 615 -25.19 -13.54 -1.62
N ARG B 616 -24.39 -13.90 -0.62
CA ARG B 616 -23.12 -13.24 -0.36
C ARG B 616 -22.10 -13.49 -1.46
N GLN B 617 -22.36 -14.44 -2.35
CA GLN B 617 -21.49 -14.76 -3.48
C GLN B 617 -21.99 -14.16 -4.79
N ARG B 618 -22.88 -13.18 -4.71
CA ARG B 618 -23.45 -12.58 -5.91
C ARG B 618 -22.37 -11.88 -6.73
N ALA B 619 -22.75 -11.46 -7.94
CA ALA B 619 -21.79 -10.87 -8.87
C ALA B 619 -21.43 -9.44 -8.51
N ASN B 620 -22.24 -8.76 -7.70
CA ASN B 620 -21.97 -7.37 -7.33
C ASN B 620 -21.55 -7.23 -5.86
N VAL B 621 -21.13 -8.32 -5.23
CA VAL B 621 -20.76 -8.32 -3.82
C VAL B 621 -19.25 -8.49 -3.72
N ILE B 622 -18.61 -7.59 -2.98
CA ILE B 622 -17.18 -7.67 -2.68
C ILE B 622 -17.03 -7.89 -1.19
N ARG B 623 -16.36 -8.96 -0.81
CA ARG B 623 -16.16 -9.31 0.60
C ARG B 623 -14.72 -9.03 0.98
N VAL B 624 -14.51 -8.08 1.88
CA VAL B 624 -13.18 -7.60 2.26
C VAL B 624 -12.84 -8.14 3.64
N SER B 625 -11.63 -8.67 3.80
CA SER B 625 -11.20 -9.16 5.10
C SER B 625 -9.71 -8.89 5.26
N SER B 626 -9.28 -8.81 6.52
CA SER B 626 -7.89 -8.57 6.84
C SER B 626 -7.51 -9.46 8.01
N LEU B 627 -6.21 -9.51 8.30
CA LEU B 627 -5.67 -10.26 9.42
C LEU B 627 -5.44 -9.41 10.65
N SER B 628 -5.78 -8.12 10.59
CA SER B 628 -5.45 -7.18 11.66
C SER B 628 -6.11 -7.49 12.99
N1 LLP B 629 -12.45 -2.11 9.26
C2 LLP B 629 -12.78 -1.62 10.46
C2' LLP B 629 -14.21 -1.05 10.71
C3 LLP B 629 -11.82 -1.60 11.51
O3 LLP B 629 -12.15 -1.08 12.76
C4 LLP B 629 -10.56 -2.10 11.29
C4' LLP B 629 -9.47 -2.08 12.50
C5 LLP B 629 -10.22 -2.61 10.08
C6 LLP B 629 -11.17 -2.63 9.05
C5' LLP B 629 -8.79 -3.18 9.85
OP4 LLP B 629 -8.18 -2.59 8.74
P LLP B 629 -6.64 -2.70 8.61
OP1 LLP B 629 -6.00 -2.36 9.95
OP2 LLP B 629 -6.15 -1.79 7.56
OP3 LLP B 629 -6.28 -4.10 8.26
N LLP B 629 -7.36 -7.93 12.94
CA LLP B 629 -8.13 -8.14 14.17
CB LLP B 629 -9.54 -7.67 13.97
CG LLP B 629 -9.72 -6.35 14.73
CD LLP B 629 -10.22 -5.27 13.75
CE LLP B 629 -9.22 -4.10 13.70
NZ LLP B 629 -9.98 -2.85 13.60
C LLP B 629 -8.12 -9.56 14.60
O LLP B 629 -7.68 -9.87 15.70
N ASN B 630 -8.62 -10.45 13.75
CA ASN B 630 -8.76 -11.86 14.10
C ASN B 630 -7.44 -12.54 14.44
N TRP B 631 -6.35 -12.13 13.78
CA TRP B 631 -5.03 -12.68 14.07
C TRP B 631 -4.11 -11.67 14.72
N SER B 632 -4.56 -10.43 14.91
CA SER B 632 -3.85 -9.41 15.68
C SER B 632 -2.48 -9.09 15.07
N VAL B 633 -2.46 -8.87 13.75
CA VAL B 633 -1.24 -8.46 13.07
C VAL B 633 -1.52 -7.25 12.17
N PRO B 634 -1.89 -6.10 12.73
CA PRO B 634 -2.07 -4.90 11.90
C PRO B 634 -0.78 -4.45 11.23
N GLY B 635 0.38 -4.72 11.85
CA GLY B 635 1.63 -4.25 11.30
C GLY B 635 2.14 -5.06 10.13
N LEU B 636 1.60 -6.26 9.93
CA LEU B 636 1.95 -7.03 8.74
C LEU B 636 1.24 -6.51 7.49
N LYS B 637 0.03 -5.98 7.65
CA LYS B 637 -0.77 -5.45 6.56
C LYS B 637 -1.04 -6.51 5.49
N VAL B 638 -1.78 -7.54 5.90
CA VAL B 638 -2.17 -8.64 5.03
C VAL B 638 -3.69 -8.72 5.00
N GLY B 639 -4.27 -8.80 3.81
CA GLY B 639 -5.70 -9.01 3.69
C GLY B 639 -6.03 -9.56 2.32
N TRP B 640 -7.32 -9.73 2.07
CA TRP B 640 -7.77 -10.14 0.75
C TRP B 640 -9.23 -9.80 0.59
N PHE B 641 -9.68 -9.78 -0.66
CA PHE B 641 -11.09 -9.65 -0.94
C PHE B 641 -11.54 -10.66 -1.98
N LEU B 642 -12.83 -10.99 -1.91
CA LEU B 642 -13.50 -11.93 -2.78
C LEU B 642 -14.48 -11.16 -3.65
N ALA B 643 -14.43 -11.39 -4.96
CA ALA B 643 -15.33 -10.72 -5.88
C ALA B 643 -15.52 -11.59 -7.10
N ASP B 644 -16.30 -11.11 -8.06
CA ASP B 644 -16.49 -11.84 -9.31
C ASP B 644 -15.16 -11.92 -10.04
N PRO B 645 -14.89 -13.04 -10.74
CA PRO B 645 -13.58 -13.18 -11.39
C PRO B 645 -13.27 -12.09 -12.39
N ALA B 646 -14.27 -11.56 -13.10
CA ALA B 646 -14.01 -10.47 -14.04
C ALA B 646 -13.54 -9.22 -13.31
N LEU B 647 -14.14 -8.91 -12.16
CA LEU B 647 -13.72 -7.75 -11.39
C LEU B 647 -12.30 -7.92 -10.87
N VAL B 648 -11.94 -9.12 -10.44
CA VAL B 648 -10.57 -9.39 -9.98
C VAL B 648 -9.58 -9.24 -11.15
N SER B 649 -9.96 -9.74 -12.32
CA SER B 649 -9.11 -9.62 -13.49
C SER B 649 -8.91 -8.15 -13.87
N ARG B 650 -9.93 -7.33 -13.69
CA ARG B 650 -9.76 -5.90 -13.94
C ARG B 650 -8.91 -5.24 -12.84
N TYR B 651 -9.05 -5.68 -11.60
CA TYR B 651 -8.29 -5.14 -10.49
C TYR B 651 -6.81 -5.48 -10.58
N TYR B 652 -6.45 -6.51 -11.36
CA TYR B 652 -5.04 -6.83 -11.57
C TYR B 652 -4.26 -5.62 -12.06
N GLU B 653 -4.76 -4.95 -13.10
CA GLU B 653 -4.03 -3.82 -13.67
C GLU B 653 -3.94 -2.65 -12.69
N PHE B 654 -5.03 -2.38 -11.97
CA PHE B 654 -5.00 -1.31 -10.97
C PHE B 654 -3.95 -1.59 -9.92
N ALA B 655 -3.88 -2.83 -9.42
CA ALA B 655 -2.88 -3.16 -8.41
C ALA B 655 -1.47 -3.06 -8.98
N SER B 656 -1.31 -3.44 -10.25
CA SER B 656 -0.01 -3.31 -10.90
C SER B 656 0.46 -1.86 -10.95
N THR B 657 -0.45 -0.96 -11.31
CA THR B 657 -0.05 0.44 -11.47
C THR B 657 0.11 1.14 -10.13
N SER B 658 -0.72 0.81 -9.15
CA SER B 658 -0.75 1.58 -7.91
C SER B 658 0.40 1.21 -6.98
N TYR B 659 0.59 -0.07 -6.71
CA TYR B 659 1.62 -0.48 -5.77
C TYR B 659 2.40 -1.70 -6.24
N GLY B 660 2.12 -2.24 -7.42
CA GLY B 660 2.85 -3.39 -7.92
C GLY B 660 2.64 -4.67 -7.16
N GLY B 661 1.45 -4.91 -6.64
CA GLY B 661 1.14 -6.15 -5.97
C GLY B 661 1.46 -6.14 -4.50
N PRO B 662 0.98 -7.16 -3.78
CA PRO B 662 1.20 -7.24 -2.33
C PRO B 662 2.57 -7.83 -2.01
N GLN B 663 2.85 -7.93 -0.72
CA GLN B 663 4.12 -8.49 -0.26
C GLN B 663 4.16 -9.98 -0.57
N SER B 664 5.20 -10.41 -1.29
CA SER B 664 5.40 -11.84 -1.49
C SER B 664 5.84 -12.50 -0.19
N PHE B 665 6.48 -11.74 0.69
CA PHE B 665 7.09 -12.26 1.90
C PHE B 665 6.08 -12.93 2.82
N VAL B 666 4.78 -12.64 2.66
CA VAL B 666 3.76 -13.20 3.52
C VAL B 666 2.99 -14.34 2.88
N TYR B 667 3.24 -14.64 1.60
CA TYR B 667 2.42 -15.60 0.87
C TYR B 667 2.34 -16.93 1.61
N THR B 668 3.48 -17.48 2.00
CA THR B 668 3.50 -18.75 2.73
C THR B 668 2.56 -18.69 3.92
N LEU B 669 2.70 -17.63 4.74
CA LEU B 669 1.83 -17.48 5.89
C LEU B 669 0.37 -17.62 5.49
N VAL B 670 -0.04 -16.84 4.48
CA VAL B 670 -1.43 -16.87 4.06
C VAL B 670 -1.84 -18.29 3.73
N GLU B 671 -1.04 -18.96 2.91
CA GLU B 671 -1.35 -20.33 2.54
C GLU B 671 -1.47 -21.21 3.77
N VAL B 672 -0.47 -21.16 4.64
CA VAL B 672 -0.49 -22.02 5.82
C VAL B 672 -1.67 -21.68 6.69
N LEU B 673 -2.06 -20.41 6.74
CA LEU B 673 -3.25 -20.04 7.49
C LEU B 673 -4.48 -20.71 6.88
N ALA B 674 -4.69 -20.50 5.59
CA ALA B 674 -5.97 -20.83 4.98
C ALA B 674 -6.26 -22.32 5.11
N ARG B 675 -5.32 -23.15 4.66
CA ARG B 675 -5.49 -24.59 4.78
C ARG B 675 -5.76 -24.98 6.22
N PHE B 676 -4.97 -24.45 7.16
CA PHE B 676 -5.20 -24.75 8.57
C PHE B 676 -6.63 -24.41 8.96
N GLU B 677 -7.07 -23.20 8.61
CA GLU B 677 -8.42 -22.79 8.96
C GLU B 677 -9.44 -23.76 8.37
N ARG B 678 -9.23 -24.18 7.13
CA ARG B 678 -10.17 -25.11 6.51
C ARG B 678 -10.22 -26.41 7.29
N TRP B 679 -9.06 -26.93 7.70
CA TRP B 679 -9.06 -28.19 8.43
C TRP B 679 -9.72 -28.06 9.78
N ILE B 680 -9.94 -26.84 10.27
CA ILE B 680 -10.71 -26.67 11.49
C ILE B 680 -12.21 -26.67 11.19
N ILE B 681 -12.61 -26.02 10.10
CA ILE B 681 -14.03 -25.97 9.75
C ILE B 681 -14.51 -27.35 9.32
N GLU B 682 -13.65 -28.10 8.64
CA GLU B 682 -13.93 -29.47 8.25
C GLU B 682 -14.00 -30.43 9.43
N GLY B 683 -13.72 -29.95 10.64
CA GLY B 683 -13.74 -30.81 11.81
C GLY B 683 -12.68 -31.89 11.82
N ARG B 684 -11.45 -31.54 11.43
CA ARG B 684 -10.34 -32.48 11.41
C ARG B 684 -9.57 -32.36 12.71
N THR B 685 -9.59 -33.42 13.52
CA THR B 685 -8.75 -33.47 14.71
C THR B 685 -7.30 -33.76 14.36
N SER B 686 -7.08 -34.65 13.38
CA SER B 686 -5.73 -35.08 13.01
C SER B 686 -5.53 -34.95 11.51
N ILE B 687 -4.29 -35.16 11.09
CA ILE B 687 -3.86 -34.95 9.71
C ILE B 687 -3.12 -36.20 9.24
N ASP B 688 -3.42 -36.64 8.03
CA ASP B 688 -2.73 -37.77 7.41
C ASP B 688 -2.00 -37.28 6.16
N GLN B 689 -1.48 -38.23 5.37
CA GLN B 689 -0.71 -37.87 4.19
C GLN B 689 -1.54 -37.13 3.14
N GLN B 690 -2.87 -37.26 3.18
CA GLN B 690 -3.69 -36.60 2.18
C GLN B 690 -3.63 -35.09 2.30
N GLN B 691 -3.58 -34.57 3.54
CA GLN B 691 -3.47 -33.13 3.74
C GLN B 691 -2.06 -32.61 3.52
N LEU B 692 -1.05 -33.48 3.51
CA LEU B 692 0.31 -33.02 3.27
C LEU B 692 0.56 -32.69 1.80
N ARG B 693 -0.17 -33.34 0.88
CA ARG B 693 -0.09 -32.99 -0.53
C ARG B 693 -0.77 -31.66 -0.85
N GLU B 694 -1.46 -31.05 0.11
CA GLU B 694 -1.99 -29.71 -0.11
C GLU B 694 -0.86 -28.72 -0.40
N PHE B 695 0.24 -28.83 0.33
CA PHE B 695 1.42 -27.99 0.14
C PHE B 695 2.35 -28.59 -0.91
N SER B 696 3.20 -27.73 -1.47
CA SER B 696 4.18 -28.20 -2.44
C SER B 696 5.33 -28.91 -1.74
N ALA B 697 5.98 -29.83 -2.47
CA ALA B 697 7.09 -30.58 -1.92
C ALA B 697 8.36 -29.73 -1.74
N SER B 698 8.38 -28.52 -2.29
CA SER B 698 9.54 -27.65 -2.10
C SER B 698 9.69 -27.23 -0.64
N TYR B 699 8.58 -27.12 0.09
CA TYR B 699 8.63 -26.74 1.50
C TYR B 699 9.36 -27.78 2.35
N GLY B 700 9.41 -29.03 1.89
CA GLY B 700 10.03 -30.10 2.65
C GLY B 700 9.32 -30.48 3.92
N LEU B 701 8.01 -30.61 3.88
CA LEU B 701 7.22 -30.91 5.06
C LEU B 701 7.24 -32.41 5.37
N GLN B 702 7.24 -32.73 6.66
CA GLN B 702 7.12 -34.08 7.16
C GLN B 702 5.73 -34.25 7.77
N LEU B 703 5.25 -35.49 7.83
CA LEU B 703 3.91 -35.73 8.35
C LEU B 703 3.83 -35.47 9.84
N GLY B 704 4.80 -35.97 10.61
CA GLY B 704 4.74 -35.82 12.06
C GLY B 704 4.83 -34.38 12.50
N SER B 705 5.78 -33.63 11.93
CA SER B 705 5.96 -32.23 12.31
C SER B 705 4.73 -31.41 11.94
N LEU B 706 4.20 -31.61 10.73
CA LEU B 706 3.01 -30.88 10.31
C LEU B 706 1.81 -31.22 11.19
N SER B 707 1.66 -32.50 11.55
CA SER B 707 0.55 -32.91 12.41
C SER B 707 0.65 -32.25 13.78
N GLN B 708 1.83 -32.29 14.39
CA GLN B 708 2.00 -31.67 15.71
C GLN B 708 1.77 -30.16 15.64
N THR B 709 2.28 -29.52 14.58
CA THR B 709 2.07 -28.08 14.42
C THR B 709 0.60 -27.75 14.30
N TYR B 710 -0.15 -28.54 13.53
CA TYR B 710 -1.58 -28.29 13.39
C TYR B 710 -2.32 -28.47 14.72
N GLU B 711 -1.98 -29.53 15.46
CA GLU B 711 -2.58 -29.73 16.78
C GLU B 711 -2.36 -28.51 17.67
N HIS B 712 -1.11 -28.04 17.74
CA HIS B 712 -0.80 -26.89 18.59
C HIS B 712 -1.49 -25.62 18.12
N TYR B 713 -1.59 -25.43 16.80
CA TYR B 713 -2.29 -24.26 16.28
C TYR B 713 -3.76 -24.26 16.67
N VAL B 714 -4.41 -25.43 16.56
CA VAL B 714 -5.80 -25.54 16.96
C VAL B 714 -5.95 -25.22 18.44
N ALA B 715 -5.07 -25.77 19.28
CA ALA B 715 -5.14 -25.52 20.71
C ALA B 715 -4.98 -24.03 21.02
N GLU B 716 -4.01 -23.38 20.36
CA GLU B 716 -3.76 -21.96 20.61
C GLU B 716 -4.95 -21.10 20.20
N ARG B 717 -5.53 -21.38 19.03
CA ARG B 717 -6.69 -20.60 18.59
C ARG B 717 -7.86 -20.77 19.55
N ARG B 718 -8.11 -22.01 19.98
CA ARG B 718 -9.21 -22.27 20.90
C ARG B 718 -9.00 -21.54 22.22
N ALA B 719 -7.78 -21.60 22.76
CA ALA B 719 -7.51 -20.93 24.04
C ALA B 719 -7.66 -19.42 23.92
N ARG B 720 -7.13 -18.84 22.83
CA ARG B 720 -7.27 -17.41 22.64
C ARG B 720 -8.73 -16.99 22.57
N GLU B 721 -9.54 -17.75 21.85
CA GLU B 721 -10.95 -17.41 21.74
C GLU B 721 -11.66 -17.48 23.10
N GLN B 722 -11.38 -18.54 23.88
CA GLN B 722 -12.02 -18.65 25.19
C GLN B 722 -11.63 -17.51 26.12
N VAL B 723 -10.34 -17.16 26.14
CA VAL B 723 -9.91 -16.08 27.03
C VAL B 723 -10.52 -14.75 26.60
N LEU B 724 -10.57 -14.48 25.29
CA LEU B 724 -11.12 -13.21 24.83
C LEU B 724 -12.61 -13.10 25.13
N LEU B 725 -13.36 -14.20 24.97
CA LEU B 725 -14.76 -14.19 25.34
C LEU B 725 -14.94 -13.94 26.83
N GLY B 726 -14.13 -14.59 27.66
CA GLY B 726 -14.20 -14.34 29.10
C GLY B 726 -13.93 -12.90 29.46
N LEU B 727 -12.91 -12.31 28.84
CA LEU B 727 -12.58 -10.91 29.13
C LEU B 727 -13.70 -9.96 28.70
N ARG B 728 -14.28 -10.20 27.52
CA ARG B 728 -15.39 -9.34 27.08
C ARG B 728 -16.58 -9.45 28.03
N GLY B 729 -16.92 -10.67 28.45
CA GLY B 729 -18.02 -10.84 29.38
C GLY B 729 -17.77 -10.17 30.72
N GLU B 730 -16.56 -10.32 31.25
CA GLU B 730 -16.22 -9.69 32.53
C GLU B 730 -16.29 -8.17 32.43
N ALA B 731 -15.78 -7.60 31.32
CA ALA B 731 -15.83 -6.15 31.15
C ALA B 731 -17.26 -5.66 31.08
N THR B 732 -18.12 -6.38 30.35
CA THR B 732 -19.53 -5.97 30.28
C THR B 732 -20.19 -6.03 31.65
N SER B 733 -19.93 -7.10 32.41
CA SER B 733 -20.52 -7.22 33.74
C SER B 733 -20.05 -6.10 34.67
N CYS B 734 -18.75 -5.79 34.65
CA CYS B 734 -18.24 -4.73 35.51
C CYS B 734 -18.82 -3.37 35.14
N LEU B 735 -18.89 -3.08 33.84
CA LEU B 735 -19.45 -1.80 33.41
C LEU B 735 -20.91 -1.67 33.81
N ARG B 736 -21.67 -2.77 33.69
CA ARG B 736 -23.07 -2.72 34.12
C ARG B 736 -23.18 -2.54 35.63
N ARG B 737 -22.34 -3.22 36.40
CA ARG B 737 -22.38 -3.07 37.85
C ARG B 737 -21.95 -1.69 38.30
N ALA B 738 -21.18 -0.97 37.49
CA ALA B 738 -20.81 0.41 37.78
C ALA B 738 -21.84 1.41 37.28
N SER B 739 -23.08 0.97 37.03
CA SER B 739 -24.19 1.82 36.64
C SER B 739 -23.89 2.56 35.33
N MET B 740 -23.73 1.79 34.26
CA MET B 740 -23.54 2.31 32.92
C MET B 740 -24.49 1.61 31.98
N ILE B 741 -25.00 2.35 30.99
CA ILE B 741 -25.85 1.74 29.96
C ILE B 741 -24.93 1.07 28.95
N VAL B 742 -24.97 -0.26 28.90
CA VAL B 742 -24.00 -1.05 28.14
C VAL B 742 -24.76 -1.93 27.16
N LYS B 743 -24.42 -1.83 25.88
CA LYS B 743 -25.00 -2.69 24.87
C LYS B 743 -24.31 -4.05 24.89
N THR B 744 -25.09 -5.11 24.73
CA THR B 744 -24.54 -6.44 24.80
C THR B 744 -23.84 -6.78 23.49
N PRO B 745 -22.55 -7.12 23.51
CA PRO B 745 -21.83 -7.41 22.26
C PRO B 745 -22.09 -8.83 21.80
N GLN B 746 -22.30 -8.98 20.49
CA GLN B 746 -22.48 -10.31 19.91
C GLN B 746 -21.24 -10.80 19.19
N CYS B 747 -20.28 -9.92 18.92
CA CYS B 747 -19.09 -10.29 18.17
C CYS B 747 -17.94 -9.35 18.53
N SER B 748 -16.73 -9.75 18.15
CA SER B 748 -15.51 -8.97 18.29
C SER B 748 -15.14 -8.70 19.74
N ILE B 749 -14.42 -7.61 20.00
CA ILE B 749 -13.73 -7.43 21.28
C ILE B 749 -14.08 -6.10 21.95
N ASN B 750 -15.00 -5.34 21.38
CA ASN B 750 -15.32 -4.01 21.87
C ASN B 750 -16.67 -4.02 22.58
N VAL B 751 -16.81 -3.12 23.55
CA VAL B 751 -18.04 -2.93 24.30
C VAL B 751 -18.39 -1.45 24.30
N PHE B 752 -19.63 -1.14 23.92
CA PHE B 752 -20.09 0.25 23.89
C PHE B 752 -20.81 0.55 25.21
N ALA B 753 -20.33 1.56 25.93
CA ALA B 753 -20.88 1.91 27.24
C ALA B 753 -21.20 3.39 27.27
N GLN B 754 -22.10 3.76 28.18
CA GLN B 754 -22.45 5.17 28.33
C GLN B 754 -22.70 5.49 29.80
N ILE B 755 -22.12 6.58 30.27
CA ILE B 755 -22.38 7.07 31.63
C ILE B 755 -23.73 7.78 31.64
N PRO B 756 -24.62 7.46 32.56
CA PRO B 756 -25.97 8.04 32.54
C PRO B 756 -25.94 9.56 32.64
N GLY B 757 -26.76 10.21 31.83
CA GLY B 757 -26.84 11.65 31.80
C GLY B 757 -25.85 12.35 30.89
N SER B 758 -24.91 11.62 30.29
CA SER B 758 -23.90 12.22 29.45
C SER B 758 -24.43 12.48 28.04
N GLU B 759 -24.11 13.66 27.52
CA GLU B 759 -24.62 14.09 26.21
C GLU B 759 -23.53 14.35 25.20
N ASP B 760 -22.26 14.23 25.56
CA ASP B 760 -21.14 14.50 24.67
C ASP B 760 -20.08 13.43 24.88
N SER B 761 -19.76 12.70 23.82
CA SER B 761 -18.84 11.56 23.95
C SER B 761 -17.40 12.02 24.10
N TYR B 762 -17.01 13.08 23.39
CA TYR B 762 -15.64 13.55 23.47
C TYR B 762 -15.40 14.27 24.80
N LEU B 763 -16.41 15.00 25.29
CA LEU B 763 -16.36 15.53 26.65
C LEU B 763 -16.24 14.40 27.68
N SER B 764 -16.96 13.30 27.45
CA SER B 764 -16.83 12.15 28.36
C SER B 764 -15.43 11.58 28.32
N PHE B 765 -14.83 11.51 27.13
CA PHE B 765 -13.44 11.06 27.04
C PHE B 765 -12.52 11.96 27.85
N ARG B 766 -12.65 13.28 27.70
CA ARG B 766 -11.81 14.21 28.44
C ARG B 766 -12.01 14.06 29.94
N ASN B 767 -13.27 14.01 30.38
CA ASN B 767 -13.57 13.90 31.80
C ASN B 767 -13.03 12.62 32.39
N VAL B 768 -13.24 11.49 31.72
CA VAL B 768 -12.77 10.21 32.25
C VAL B 768 -11.25 10.18 32.28
N LEU B 769 -10.60 10.68 31.23
CA LEU B 769 -9.13 10.66 31.20
C LEU B 769 -8.55 11.51 32.31
N ARG B 770 -9.15 12.68 32.57
CA ARG B 770 -8.62 13.55 33.62
C ARG B 770 -8.94 13.00 35.01
N GLU B 771 -10.12 12.41 35.18
CA GLU B 771 -10.60 12.01 36.49
C GLU B 771 -9.98 10.71 36.95
N THR B 772 -9.98 9.69 36.09
CA THR B 772 -9.52 8.36 36.46
C THR B 772 -8.25 7.93 35.77
N GLY B 773 -7.77 8.68 34.78
CA GLY B 773 -6.58 8.28 34.08
C GLY B 773 -6.74 7.11 33.13
N VAL B 774 -7.95 6.88 32.63
CA VAL B 774 -8.24 5.79 31.71
C VAL B 774 -8.75 6.39 30.41
N SER B 775 -8.14 6.00 29.29
CA SER B 775 -8.56 6.50 27.99
C SER B 775 -9.59 5.56 27.37
N VAL B 776 -10.71 6.14 26.93
CA VAL B 776 -11.74 5.41 26.22
C VAL B 776 -11.92 6.07 24.85
N TYR B 777 -12.63 5.38 23.97
CA TYR B 777 -12.75 5.80 22.58
C TYR B 777 -14.10 6.46 22.38
N PRO B 778 -14.17 7.78 22.23
CA PRO B 778 -15.47 8.45 22.12
C PRO B 778 -16.25 7.96 20.90
N GLY B 779 -17.57 7.93 21.05
CA GLY B 779 -18.43 7.44 19.99
C GLY B 779 -18.52 8.36 18.78
N ILE B 780 -18.15 9.63 18.94
CA ILE B 780 -18.16 10.55 17.81
C ILE B 780 -17.19 10.07 16.73
N LEU B 781 -16.13 9.39 17.14
CA LEU B 781 -15.14 8.84 16.21
C LEU B 781 -15.64 7.56 15.54
N SER B 782 -16.80 7.07 15.91
CA SER B 782 -17.47 5.97 15.22
C SER B 782 -18.67 6.46 14.43
N PHE B 783 -18.79 7.76 14.22
CA PHE B 783 -19.88 8.43 13.52
C PHE B 783 -21.19 8.44 14.32
N TYR B 784 -21.11 8.28 15.64
CA TYR B 784 -22.25 8.54 16.53
C TYR B 784 -22.24 10.03 16.86
N LEU B 785 -22.89 10.82 16.00
CA LEU B 785 -22.82 12.27 16.15
C LEU B 785 -23.60 12.79 17.36
N ALA B 786 -24.39 11.95 18.02
CA ALA B 786 -25.14 12.33 19.20
C ALA B 786 -24.92 11.30 20.29
N GLY B 787 -25.14 11.72 21.54
CA GLY B 787 -24.95 10.85 22.68
C GLY B 787 -23.58 11.00 23.31
N GLY B 788 -23.40 10.31 24.43
CA GLY B 788 -22.15 10.39 25.15
C GLY B 788 -21.44 9.06 25.33
N GLY B 789 -21.82 8.07 24.53
CA GLY B 789 -21.23 6.75 24.69
C GLY B 789 -19.81 6.68 24.18
N PHE B 790 -19.05 5.74 24.73
CA PHE B 790 -17.69 5.48 24.32
C PHE B 790 -17.48 3.98 24.13
N ARG B 791 -16.35 3.64 23.52
CA ARG B 791 -16.00 2.26 23.22
C ARG B 791 -14.86 1.82 24.11
N VAL B 792 -14.97 0.62 24.67
CA VAL B 792 -13.96 0.05 25.54
C VAL B 792 -13.44 -1.22 24.89
N THR B 793 -12.13 -1.31 24.74
CA THR B 793 -11.49 -2.48 24.15
C THR B 793 -11.10 -3.43 25.27
N THR B 794 -11.65 -4.65 25.22
CA THR B 794 -11.48 -5.63 26.28
C THR B 794 -10.43 -6.68 25.97
N ALA B 795 -9.80 -6.61 24.81
CA ALA B 795 -8.79 -7.60 24.42
C ALA B 795 -7.39 -7.14 24.83
N ARG B 796 -7.26 -6.83 26.11
CA ARG B 796 -6.02 -6.34 26.69
C ARG B 796 -5.46 -7.35 27.67
N LYS B 797 -4.31 -7.04 28.25
CA LYS B 797 -3.80 -7.84 29.34
C LYS B 797 -4.75 -7.76 30.51
N TRP B 798 -4.83 -8.86 31.27
CA TRP B 798 -5.79 -8.90 32.38
C TRP B 798 -5.49 -7.83 33.42
N GLY B 799 -4.20 -7.58 33.68
CA GLY B 799 -3.86 -6.55 34.64
C GLY B 799 -4.33 -5.17 34.22
N ASP B 800 -4.08 -4.82 32.96
CA ASP B 800 -4.48 -3.50 32.47
C ASP B 800 -5.99 -3.34 32.50
N LEU B 801 -6.72 -4.35 32.03
CA LEU B 801 -8.17 -4.28 32.02
C LEU B 801 -8.73 -4.20 33.43
N HIS B 802 -8.19 -4.99 34.35
CA HIS B 802 -8.67 -5.00 35.72
C HIS B 802 -8.44 -3.65 36.39
N ARG B 803 -7.23 -3.10 36.25
CA ARG B 803 -6.95 -1.80 36.86
C ARG B 803 -7.78 -0.70 36.23
N GLY B 804 -7.97 -0.73 34.91
CA GLY B 804 -8.79 0.27 34.26
C GLY B 804 -10.25 0.19 34.69
N LEU B 805 -10.78 -1.04 34.83
CA LEU B 805 -12.15 -1.20 35.27
C LEU B 805 -12.33 -0.75 36.73
N GLU B 806 -11.34 -1.06 37.58
CA GLU B 806 -11.39 -0.57 38.96
C GLU B 806 -11.42 0.95 39.01
N ARG B 807 -10.54 1.61 38.24
CA ARG B 807 -10.52 3.07 38.25
C ARG B 807 -11.81 3.63 37.67
N LEU B 808 -12.36 2.97 36.65
CA LEU B 808 -13.56 3.49 35.99
C LEU B 808 -14.77 3.35 36.90
N SER B 809 -14.88 2.24 37.64
CA SER B 809 -15.99 2.06 38.57
C SER B 809 -15.85 2.90 39.83
N ALA B 810 -14.61 3.17 40.25
CA ALA B 810 -14.40 4.02 41.42
C ALA B 810 -14.92 5.43 41.18
N GLY B 811 -14.70 5.96 39.97
CA GLY B 811 -15.13 7.31 39.64
C GLY B 811 -16.61 7.42 39.37
#